data_7S1S
#
_entry.id   7S1S
#
_cell.length_a   103.140
_cell.length_b   138.095
_cell.length_c   178.800
_cell.angle_alpha   90.000
_cell.angle_beta   90.000
_cell.angle_gamma   90.000
#
_symmetry.space_group_name_H-M   'I 2 2 2'
#
loop_
_entity.id
_entity.type
_entity.pdbx_description
1 polymer 'Protein arginine N-methyltransferase 5'
2 polymer 'Methylosome protein 50'
3 non-polymer "5'-DEOXY-5'-METHYLTHIOADENOSINE"
4 non-polymer (7-{(5M)-5-[3-chloro-6-cyano-5-(cyclopropyloxy)-2-fluorophenyl]-1-methyl-1H-pyrazol-4-yl}-4-oxo-3,4-dihydrophthalazin-1-yl)methanaminium
5 water water
#
loop_
_entity_poly.entity_id
_entity_poly.type
_entity_poly.pdbx_seq_one_letter_code
_entity_poly.pdbx_strand_id
1 'polypeptide(L)'
;MDYKDDDDKAAMAVGGAGGSRVSSGRDLNCVPEIADTLGAVAKQGFDFLCMPVFHPRFKREFIQEPAKNRPGPQTRSDLL
LSGRDWNTLIVGKLSPWIRPDSKVEKIRRNSEAAMLQELNFGAYLGLPAFLLPLNQEDNTNLARVLTNHIHTGHHSSMFW
MRVPLVAPEDLRDDIIENAPTTHTEEYSGEEKTWMWWHNFRTLCDYSKRIAVALEIGADLPSNHVIDRWLGEPIKAAILP
TSIFLTNKKGFPVLSKMHQRLIFRLLKLEVQFIITGTNHHSEKEFCSYLQYLEYLSQNRPPPNAYELFAKGYEDYLQSPL
QPLMDNLESQTYEVFEKDPIKYSQYQQAIYKCLLDRVPEEEKDTNVQVLMVLGAGRGPLVNASLRAAKQADRRIKLYAVE
KNPNAVVTLENWQFEEWGSQVTVVSSDMREWVAPEKADIIVSELLGSFADNELSPECLDGAQHFLKDDGVSIPGEYTSFL
APISSSKLYNEVRACREKDRDPEAQFEMPYVVRLHNFHQLSAPQPCFTFSHPNRDPMIDNNRYCTLEFPVEVNTVLHGFA
GYFETVLYQDITLSIRPETHSPGMFSWFPILFPIKQPITVREGQTICVRFWRCSNSKKVWYEWAVTAPVCSAIHNPTGRS
YTIGL
;
A
2 'polypeptide(L)'
;MHHHHHHHHRKETPPPLVPPAAREWNLPPNAPACMERQLEAARYRSDGALLLGASSLSGRCWAGSLWLFKDPCAAPNEGF
CSAGVQTEAGVADLTWVGERGILVASDSGAVELWELDENETLIVSKFCKYEHDDIVSTVSVLSSGTQAVSGSKDICIKVW
DLAQQVVLSSYRAHAAQVTCVAASPHKDSVFLSCSEDNRILLWDTRCPKPASQIGCSAPGYLPTSLAWHPQQSEVFVFGD
ENGTVSLVDTKSTSCVLSSAVHSQCVTGLVFSPHSVPFLASLSEDCSLAVLDSSLSELFRSQAHRDFVRDATWSPLNHSL
LTTVGWDHQVVHHVVPTEPLPAPGPASVTE
;
B
#
loop_
_chem_comp.id
_chem_comp.type
_chem_comp.name
_chem_comp.formula
85K non-polymer (7-{(5M)-5-[3-chloro-6-cyano-5-(cyclopropyloxy)-2-fluorophenyl]-1-methyl-1H-pyrazol-4-yl}-4-oxo-3,4-dihydrophthalazin-1-yl)methanaminium 'C23 H19 Cl F N6 O2 1'
MTA non-polymer 5'-DEOXY-5'-METHYLTHIOADENOSINE 'C11 H15 N5 O3 S'
#
# COMPACT_ATOMS: atom_id res chain seq x y z
N ARG A 21 -12.40 -16.55 1.52
CA ARG A 21 -11.79 -16.14 2.78
C ARG A 21 -10.86 -14.95 2.58
N VAL A 22 -11.41 -13.75 2.76
CA VAL A 22 -10.66 -12.51 2.58
C VAL A 22 -10.40 -11.90 3.96
N SER A 23 -9.15 -11.55 4.22
CA SER A 23 -8.77 -10.84 5.43
C SER A 23 -8.97 -9.35 5.19
N SER A 24 -9.97 -8.76 5.87
CA SER A 24 -10.36 -7.39 5.62
C SER A 24 -10.34 -6.60 6.92
N GLY A 25 -10.18 -5.28 6.78
CA GLY A 25 -10.17 -4.41 7.93
C GLY A 25 -10.99 -3.15 7.66
N ARG A 26 -11.44 -2.54 8.75
CA ARG A 26 -12.26 -1.34 8.70
C ARG A 26 -11.43 -0.13 9.14
N ASP A 27 -11.39 0.89 8.29
CA ASP A 27 -10.66 2.12 8.58
C ASP A 27 -11.62 3.17 9.13
N LEU A 28 -11.30 3.70 10.31
CA LEU A 28 -12.10 4.73 10.94
C LEU A 28 -11.20 5.87 11.38
N ASN A 29 -11.76 7.08 11.35
CA ASN A 29 -11.10 8.25 11.91
C ASN A 29 -11.88 8.81 13.09
N CYS A 30 -12.88 8.08 13.58
CA CYS A 30 -13.71 8.53 14.69
C CYS A 30 -14.09 7.32 15.53
N VAL A 31 -13.64 7.30 16.78
CA VAL A 31 -13.93 6.20 17.69
C VAL A 31 -14.30 6.79 19.05
N PRO A 32 -15.60 6.96 19.34
CA PRO A 32 -15.97 7.48 20.67
C PRO A 32 -15.60 6.55 21.80
N GLU A 33 -15.70 5.24 21.60
CA GLU A 33 -15.30 4.26 22.61
C GLU A 33 -14.76 3.03 21.91
N ILE A 34 -13.58 2.57 22.34
CA ILE A 34 -12.91 1.47 21.67
C ILE A 34 -13.71 0.19 21.79
N ALA A 35 -14.17 -0.13 23.01
CA ALA A 35 -14.90 -1.38 23.23
C ALA A 35 -16.10 -1.48 22.31
N ASP A 36 -16.96 -0.47 22.31
CA ASP A 36 -18.17 -0.51 21.47
C ASP A 36 -17.79 -0.55 19.98
N THR A 37 -16.83 0.28 19.58
CA THR A 37 -16.42 0.31 18.18
C THR A 37 -15.92 -1.04 17.73
N LEU A 38 -14.93 -1.60 18.43
CA LEU A 38 -14.37 -2.87 18.04
C LEU A 38 -15.44 -3.96 17.97
N GLY A 39 -16.45 -3.89 18.84
CA GLY A 39 -17.53 -4.86 18.78
C GLY A 39 -18.36 -4.73 17.53
N ALA A 40 -18.77 -3.50 17.21
CA ALA A 40 -19.56 -3.29 15.99
C ALA A 40 -18.76 -3.68 14.75
N VAL A 41 -17.45 -3.42 14.77
CA VAL A 41 -16.60 -3.79 13.64
C VAL A 41 -16.54 -5.31 13.50
N ALA A 42 -16.31 -6.01 14.61
CA ALA A 42 -16.22 -7.46 14.56
C ALA A 42 -17.54 -8.08 14.12
N LYS A 43 -18.65 -7.59 14.66
CA LYS A 43 -19.95 -8.15 14.30
C LYS A 43 -20.25 -7.96 12.82
N GLN A 44 -19.75 -6.88 12.22
CA GLN A 44 -19.97 -6.65 10.80
C GLN A 44 -19.15 -7.60 9.93
N GLY A 45 -18.09 -8.19 10.48
CA GLY A 45 -17.35 -9.20 9.76
C GLY A 45 -15.90 -8.85 9.46
N PHE A 46 -15.36 -7.85 10.14
CA PHE A 46 -14.00 -7.42 9.90
C PHE A 46 -13.02 -8.19 10.79
N ASP A 47 -11.78 -8.30 10.31
CA ASP A 47 -10.73 -8.97 11.06
C ASP A 47 -9.94 -8.03 11.95
N PHE A 48 -9.78 -6.77 11.54
CA PHE A 48 -9.05 -5.79 12.33
C PHE A 48 -9.65 -4.41 12.09
N LEU A 49 -9.07 -3.41 12.76
CA LEU A 49 -9.58 -2.05 12.73
C LEU A 49 -8.41 -1.08 12.67
N CYS A 50 -8.46 -0.14 11.74
CA CYS A 50 -7.51 0.95 11.65
C CYS A 50 -8.11 2.16 12.34
N MET A 51 -7.46 2.65 13.39
CA MET A 51 -8.00 3.74 14.19
C MET A 51 -6.84 4.54 14.76
N PRO A 52 -7.07 5.81 15.08
CA PRO A 52 -6.01 6.62 15.68
C PRO A 52 -5.80 6.28 17.15
N VAL A 53 -4.53 6.31 17.55
CA VAL A 53 -4.17 6.10 18.94
C VAL A 53 -4.22 7.39 19.76
N PHE A 54 -4.12 8.54 19.11
CA PHE A 54 -4.44 9.84 19.69
C PHE A 54 -5.57 10.44 18.88
N HIS A 55 -6.36 11.30 19.52
CA HIS A 55 -7.48 11.92 18.82
C HIS A 55 -6.97 12.67 17.60
N PRO A 56 -7.62 12.52 16.44
CA PRO A 56 -7.08 13.17 15.23
C PRO A 56 -6.97 14.68 15.33
N ARG A 57 -7.91 15.33 16.02
CA ARG A 57 -7.92 16.79 16.15
C ARG A 57 -7.17 17.28 17.38
N PHE A 58 -6.68 16.38 18.22
CA PHE A 58 -6.02 16.76 19.47
C PHE A 58 -4.58 17.17 19.18
N LYS A 59 -4.45 18.33 18.53
CA LYS A 59 -3.13 18.92 18.29
C LYS A 59 -2.43 19.16 19.62
N ARG A 60 -1.13 18.87 19.66
CA ARG A 60 -0.36 18.92 20.89
C ARG A 60 0.90 19.75 20.68
N GLU A 61 1.17 20.66 21.62
CA GLU A 61 2.36 21.50 21.58
C GLU A 61 3.46 20.89 22.43
N PHE A 62 4.71 21.03 21.96
CA PHE A 62 5.85 20.42 22.60
C PHE A 62 6.95 21.39 23.00
N ILE A 63 6.87 22.66 22.61
CA ILE A 63 7.98 23.58 22.82
C ILE A 63 7.53 24.86 23.51
N GLN A 64 6.49 25.50 22.98
CA GLN A 64 6.10 26.83 23.44
C GLN A 64 5.04 26.75 24.53
N GLU A 65 5.26 27.49 25.61
CA GLU A 65 4.27 27.62 26.66
C GLU A 65 3.21 28.65 26.25
N PRO A 66 2.01 28.58 26.85
CA PRO A 66 1.66 27.63 27.91
C PRO A 66 1.10 26.31 27.38
N ALA A 67 0.94 26.21 26.05
CA ALA A 67 0.24 25.06 25.49
C ALA A 67 0.96 23.75 25.74
N LYS A 68 2.30 23.78 25.86
CA LYS A 68 3.04 22.55 26.06
C LYS A 68 2.75 21.91 27.41
N ASN A 69 2.23 22.67 28.37
CA ASN A 69 1.93 22.16 29.70
C ASN A 69 0.48 21.69 29.84
N ARG A 70 -0.16 21.32 28.75
CA ARG A 70 -1.52 20.83 28.80
C ARG A 70 -1.61 19.59 29.69
N PRO A 71 -2.40 19.62 30.76
CA PRO A 71 -2.46 18.46 31.65
C PRO A 71 -3.03 17.24 30.94
N GLY A 72 -2.53 16.07 31.33
CA GLY A 72 -2.93 14.82 30.72
C GLY A 72 -4.35 14.43 31.11
N PRO A 73 -4.77 13.21 30.72
CA PRO A 73 -3.98 12.25 29.93
C PRO A 73 -3.89 12.65 28.45
N GLN A 74 -2.79 12.28 27.79
CA GLN A 74 -2.61 12.66 26.40
C GLN A 74 -3.48 11.83 25.46
N THR A 75 -3.98 10.69 25.90
CA THR A 75 -4.85 9.86 25.06
C THR A 75 -5.45 8.75 25.92
N ARG A 76 -6.02 7.74 25.26
CA ARG A 76 -6.69 6.64 25.93
C ARG A 76 -5.70 5.77 26.71
N SER A 77 -6.23 5.01 27.65
CA SER A 77 -5.42 4.10 28.45
C SER A 77 -5.33 2.75 27.78
N ASP A 78 -4.15 2.14 27.84
CA ASP A 78 -3.91 0.84 27.23
C ASP A 78 -4.72 -0.26 27.91
N LEU A 79 -5.24 -0.01 29.11
CA LEU A 79 -6.01 -1.05 29.81
C LEU A 79 -7.35 -1.32 29.17
N LEU A 80 -7.81 -0.47 28.25
CA LEU A 80 -9.11 -0.65 27.63
C LEU A 80 -9.16 -1.85 26.69
N LEU A 81 -8.02 -2.43 26.34
CA LEU A 81 -7.97 -3.64 25.54
C LEU A 81 -6.95 -4.60 26.12
N SER A 82 -7.16 -5.88 25.88
CA SER A 82 -6.19 -6.88 26.29
C SER A 82 -4.96 -6.81 25.41
N GLY A 83 -3.84 -7.29 25.95
CA GLY A 83 -2.62 -7.35 25.16
C GLY A 83 -2.84 -8.07 23.84
N ARG A 84 -3.59 -9.18 23.87
CA ARG A 84 -3.85 -9.92 22.64
C ARG A 84 -4.62 -9.09 21.63
N ASP A 85 -5.50 -8.21 22.10
CA ASP A 85 -6.28 -7.38 21.18
C ASP A 85 -5.39 -6.31 20.53
N TRP A 86 -4.56 -5.64 21.32
CA TRP A 86 -3.64 -4.66 20.75
C TRP A 86 -2.72 -5.31 19.73
N ASN A 87 -2.32 -6.56 19.97
CA ASN A 87 -1.35 -7.22 19.11
C ASN A 87 -1.95 -7.68 17.78
N THR A 88 -3.25 -7.93 17.73
CA THR A 88 -3.85 -8.59 16.58
C THR A 88 -4.99 -7.82 15.91
N LEU A 89 -5.63 -6.88 16.61
CA LEU A 89 -6.84 -6.26 16.09
C LEU A 89 -6.69 -4.80 15.70
N ILE A 90 -5.71 -4.09 16.27
CA ILE A 90 -5.63 -2.64 16.15
C ILE A 90 -4.48 -2.27 15.20
N VAL A 91 -4.77 -1.35 14.28
CA VAL A 91 -3.76 -0.76 13.40
C VAL A 91 -3.73 0.73 13.68
N GLY A 92 -2.59 1.22 14.17
CA GLY A 92 -2.49 2.63 14.51
C GLY A 92 -2.40 3.51 13.28
N LYS A 93 -2.88 4.75 13.42
CA LYS A 93 -2.88 5.72 12.33
C LYS A 93 -2.24 7.01 12.83
N LEU A 94 -1.30 7.53 12.03
CA LEU A 94 -0.68 8.80 12.37
C LEU A 94 -1.69 9.93 12.28
N SER A 95 -1.68 10.81 13.28
CA SER A 95 -2.64 11.91 13.30
C SER A 95 -2.46 12.79 12.06
N PRO A 96 -3.55 13.21 11.42
CA PRO A 96 -3.42 13.93 10.14
C PRO A 96 -2.77 15.30 10.25
N TRP A 97 -2.76 15.91 11.44
CA TRP A 97 -2.13 17.21 11.60
C TRP A 97 -0.61 17.13 11.64
N ILE A 98 -0.03 15.94 11.80
CA ILE A 98 1.42 15.78 11.90
C ILE A 98 2.01 15.91 10.51
N ARG A 99 2.76 16.98 10.28
CA ARG A 99 3.35 17.29 8.97
C ARG A 99 4.83 17.55 9.17
N PRO A 100 5.65 16.49 9.19
CA PRO A 100 7.09 16.69 9.39
C PRO A 100 7.75 17.51 8.29
N ASP A 101 7.16 17.56 7.10
CA ASP A 101 7.74 18.27 5.96
C ASP A 101 7.05 19.61 5.70
N SER A 102 6.29 20.11 6.66
CA SER A 102 5.74 21.46 6.54
C SER A 102 6.86 22.46 6.28
N LYS A 103 6.54 23.52 5.55
CA LYS A 103 7.51 24.57 5.28
C LYS A 103 7.70 25.50 6.46
N VAL A 104 6.86 25.41 7.49
CA VAL A 104 6.99 26.20 8.70
C VAL A 104 7.82 25.41 9.70
N GLU A 105 8.93 26.00 10.16
CA GLU A 105 9.82 25.28 11.06
C GLU A 105 9.09 24.84 12.32
N LYS A 106 8.34 25.75 12.95
CA LYS A 106 7.65 25.40 14.19
C LYS A 106 6.77 24.17 14.00
N ILE A 107 6.14 24.03 12.83
CA ILE A 107 5.29 22.88 12.60
C ILE A 107 6.11 21.63 12.36
N ARG A 108 7.33 21.78 11.82
CA ARG A 108 8.19 20.62 11.64
C ARG A 108 8.67 20.07 12.98
N ARG A 109 9.12 20.96 13.88
CA ARG A 109 9.55 20.52 15.19
C ARG A 109 8.44 19.77 15.92
N ASN A 110 7.27 20.40 16.05
CA ASN A 110 6.15 19.76 16.74
C ASN A 110 5.77 18.44 16.07
N SER A 111 5.81 18.38 14.74
CA SER A 111 5.44 17.16 14.05
C SER A 111 6.44 16.04 14.31
N GLU A 112 7.74 16.37 14.35
CA GLU A 112 8.75 15.35 14.66
C GLU A 112 8.52 14.76 16.04
N ALA A 113 8.37 15.63 17.05
CA ALA A 113 8.11 15.14 18.40
C ALA A 113 6.81 14.37 18.48
N ALA A 114 5.76 14.85 17.79
CA ALA A 114 4.49 14.15 17.81
C ALA A 114 4.56 12.82 17.07
N MET A 115 5.33 12.77 15.98
CA MET A 115 5.48 11.52 15.24
C MET A 115 6.16 10.46 16.10
N LEU A 116 7.29 10.79 16.70
CA LEU A 116 7.95 9.86 17.62
C LEU A 116 7.01 9.46 18.74
N GLN A 117 6.29 10.42 19.32
CA GLN A 117 5.36 10.12 20.41
C GLN A 117 4.31 9.11 19.98
N GLU A 118 3.64 9.37 18.85
CA GLU A 118 2.59 8.45 18.40
C GLU A 118 3.18 7.12 17.97
N LEU A 119 4.30 7.13 17.24
CA LEU A 119 4.96 5.89 16.86
C LEU A 119 5.37 5.09 18.09
N ASN A 120 5.98 5.75 19.07
CA ASN A 120 6.43 5.05 20.27
C ASN A 120 5.24 4.50 21.05
N PHE A 121 4.13 5.24 21.09
CA PHE A 121 2.94 4.70 21.75
C PHE A 121 2.43 3.48 21.02
N GLY A 122 2.50 3.48 19.68
CA GLY A 122 2.13 2.29 18.93
C GLY A 122 3.00 1.10 19.29
N ALA A 123 4.32 1.31 19.34
CA ALA A 123 5.21 0.24 19.77
C ALA A 123 4.94 -0.15 21.22
N TYR A 124 4.62 0.83 22.06
CA TYR A 124 4.28 0.55 23.44
C TYR A 124 3.12 -0.43 23.52
N LEU A 125 2.10 -0.23 22.69
CA LEU A 125 0.94 -1.12 22.63
C LEU A 125 1.23 -2.42 21.88
N GLY A 126 2.38 -2.54 21.24
CA GLY A 126 2.66 -3.73 20.44
C GLY A 126 1.73 -3.88 19.26
N LEU A 127 1.30 -2.76 18.68
CA LEU A 127 0.41 -2.82 17.52
C LEU A 127 1.11 -3.52 16.37
N PRO A 128 0.40 -4.37 15.61
CA PRO A 128 1.05 -5.11 14.52
C PRO A 128 1.42 -4.25 13.32
N ALA A 129 0.87 -3.04 13.22
CA ALA A 129 1.17 -2.18 12.08
C ALA A 129 0.71 -0.76 12.38
N PHE A 130 1.30 0.19 11.66
CA PHE A 130 1.02 1.60 11.83
C PHE A 130 0.89 2.24 10.46
N LEU A 131 -0.11 3.11 10.30
CA LEU A 131 -0.43 3.71 9.01
C LEU A 131 0.13 5.12 8.94
N LEU A 132 0.94 5.40 7.91
CA LEU A 132 1.44 6.74 7.68
C LEU A 132 1.15 7.14 6.23
N PRO A 133 0.79 8.39 6.00
CA PRO A 133 0.40 8.82 4.65
C PRO A 133 1.58 9.28 3.81
N LEU A 134 1.45 9.03 2.50
CA LEU A 134 2.30 9.63 1.47
C LEU A 134 1.35 10.43 0.58
N ASN A 135 1.10 11.68 0.98
CA ASN A 135 0.12 12.53 0.31
C ASN A 135 0.76 13.74 -0.38
N GLN A 136 2.08 13.75 -0.54
CA GLN A 136 2.76 14.81 -1.25
C GLN A 136 4.07 14.26 -1.80
N GLU A 137 4.86 15.15 -2.42
CA GLU A 137 6.07 14.70 -3.08
C GLU A 137 7.28 14.64 -2.14
N ASP A 138 7.41 15.60 -1.23
CA ASP A 138 8.55 15.67 -0.33
C ASP A 138 8.16 15.13 1.03
N ASN A 139 8.61 13.91 1.32
CA ASN A 139 8.45 13.28 2.62
C ASN A 139 9.79 12.95 3.25
N THR A 140 10.82 13.71 2.87
CA THR A 140 12.18 13.46 3.34
C THR A 140 12.23 13.39 4.86
N ASN A 141 11.79 14.47 5.53
CA ASN A 141 11.84 14.48 6.99
C ASN A 141 10.97 13.37 7.57
N LEU A 142 9.79 13.14 6.99
CA LEU A 142 8.95 12.04 7.45
C LEU A 142 9.71 10.73 7.44
N ALA A 143 10.47 10.47 6.38
CA ALA A 143 11.25 9.23 6.31
C ALA A 143 12.36 9.22 7.35
N ARG A 144 13.01 10.35 7.58
CA ARG A 144 14.08 10.40 8.58
C ARG A 144 13.55 10.04 9.96
N VAL A 145 12.45 10.67 10.37
CA VAL A 145 11.87 10.36 11.67
C VAL A 145 11.50 8.88 11.75
N LEU A 146 10.84 8.36 10.71
CA LEU A 146 10.47 6.95 10.71
C LEU A 146 11.71 6.07 10.78
N THR A 147 12.71 6.36 9.95
CA THR A 147 13.95 5.59 9.99
C THR A 147 14.58 5.63 11.38
N ASN A 148 14.66 6.83 11.96
CA ASN A 148 15.15 6.97 13.33
C ASN A 148 14.38 6.05 14.28
N HIS A 149 13.06 6.04 14.17
CA HIS A 149 12.25 5.17 15.01
C HIS A 149 12.57 3.69 14.78
N ILE A 150 12.78 3.31 13.51
CA ILE A 150 13.05 1.91 13.20
C ILE A 150 14.35 1.46 13.87
N HIS A 151 15.36 2.33 13.89
CA HIS A 151 16.65 2.01 14.51
C HIS A 151 16.68 2.34 16.00
N THR A 152 15.53 2.36 16.66
CA THR A 152 15.43 2.51 18.11
C THR A 152 14.82 1.24 18.69
N GLY A 153 15.61 0.18 18.71
CA GLY A 153 15.13 -1.13 19.13
C GLY A 153 14.67 -1.97 17.97
N HIS A 154 15.00 -3.26 17.99
CA HIS A 154 14.62 -4.19 16.94
C HIS A 154 13.21 -4.71 17.21
N HIS A 155 12.26 -4.36 16.35
CA HIS A 155 10.89 -4.81 16.47
C HIS A 155 10.39 -5.31 15.12
N SER A 156 9.31 -6.09 15.17
CA SER A 156 8.72 -6.67 13.97
C SER A 156 7.52 -5.89 13.46
N SER A 157 7.11 -4.84 14.17
CA SER A 157 5.93 -4.07 13.77
C SER A 157 6.11 -3.52 12.36
N MET A 158 5.01 -3.49 11.62
CA MET A 158 4.99 -3.04 10.23
C MET A 158 4.52 -1.60 10.12
N PHE A 159 4.95 -0.93 9.07
CA PHE A 159 4.53 0.43 8.78
C PHE A 159 3.91 0.45 7.39
N TRP A 160 2.62 0.75 7.32
CA TRP A 160 1.87 0.77 6.07
C TRP A 160 1.82 2.21 5.55
N MET A 161 2.53 2.47 4.46
CA MET A 161 2.53 3.79 3.84
C MET A 161 1.28 3.92 2.97
N ARG A 162 0.35 4.76 3.39
CA ARG A 162 -0.89 4.98 2.64
C ARG A 162 -0.58 5.86 1.44
N VAL A 163 -0.72 5.32 0.24
CA VAL A 163 -0.41 6.04 -0.99
C VAL A 163 -1.48 5.74 -2.03
N PRO A 164 -1.97 6.75 -2.75
CA PRO A 164 -3.03 6.52 -3.72
C PRO A 164 -2.51 6.19 -5.11
N LEU A 165 -3.29 5.39 -5.82
CA LEU A 165 -3.01 5.14 -7.24
C LEU A 165 -2.91 6.46 -8.00
N VAL A 166 -3.77 7.42 -7.66
CA VAL A 166 -3.83 8.71 -8.35
C VAL A 166 -3.80 9.81 -7.29
N ALA A 167 -2.82 10.70 -7.38
CA ALA A 167 -2.73 11.80 -6.45
C ALA A 167 -4.04 12.59 -6.46
N PRO A 168 -4.51 13.05 -5.29
CA PRO A 168 -5.75 13.84 -5.28
C PRO A 168 -5.75 14.99 -6.26
N GLU A 169 -4.65 15.72 -6.37
CA GLU A 169 -4.58 16.84 -7.31
C GLU A 169 -4.88 16.38 -8.74
N ASP A 170 -4.52 15.14 -9.08
CA ASP A 170 -4.71 14.62 -10.43
C ASP A 170 -6.10 14.02 -10.64
N LEU A 171 -6.98 14.09 -9.65
CA LEU A 171 -8.34 13.59 -9.81
C LEU A 171 -9.39 14.58 -9.32
N ARG A 172 -9.00 15.82 -9.03
CA ARG A 172 -9.94 16.83 -8.58
C ARG A 172 -10.94 17.16 -9.68
N ASP A 173 -12.14 17.55 -9.28
CA ASP A 173 -13.15 17.97 -10.24
C ASP A 173 -12.66 19.19 -11.02
N ASP A 174 -13.02 19.23 -12.32
CA ASP A 174 -12.62 20.33 -13.19
C ASP A 174 -13.58 21.50 -13.02
N ILE A 175 -13.60 22.06 -11.81
CA ILE A 175 -14.57 23.07 -11.42
C ILE A 175 -13.92 24.38 -10.99
N ILE A 176 -12.61 24.52 -11.20
CA ILE A 176 -11.91 25.77 -10.94
C ILE A 176 -11.75 26.49 -12.27
N GLU A 177 -12.51 27.57 -12.46
CA GLU A 177 -12.59 28.22 -13.77
C GLU A 177 -11.22 28.70 -14.24
N ASN A 178 -10.45 29.33 -13.36
CA ASN A 178 -9.16 29.91 -13.72
C ASN A 178 -7.99 28.95 -13.50
N ALA A 179 -8.28 27.66 -13.26
CA ALA A 179 -7.23 26.66 -13.05
C ALA A 179 -7.73 25.31 -13.55
N PRO A 180 -7.95 25.19 -14.86
CA PRO A 180 -8.51 23.95 -15.40
C PRO A 180 -7.57 22.78 -15.19
N THR A 181 -8.16 21.58 -15.20
CA THR A 181 -7.38 20.36 -15.06
C THR A 181 -6.68 20.02 -16.37
N THR A 182 -5.62 19.22 -16.26
CA THR A 182 -4.86 18.82 -17.44
C THR A 182 -5.68 17.82 -18.26
N HIS A 183 -5.67 18.02 -19.58
CA HIS A 183 -6.37 17.13 -20.50
C HIS A 183 -5.43 16.44 -21.48
N THR A 184 -4.13 16.71 -21.42
CA THR A 184 -3.14 16.04 -22.24
C THR A 184 -2.42 14.98 -21.43
N GLU A 185 -2.01 13.90 -22.10
CA GLU A 185 -1.38 12.79 -21.42
C GLU A 185 0.01 13.16 -20.93
N GLU A 186 0.26 12.93 -19.65
CA GLU A 186 1.58 13.11 -19.04
C GLU A 186 2.00 11.73 -18.52
N TYR A 187 2.60 10.93 -19.40
CA TYR A 187 2.91 9.54 -19.08
C TYR A 187 3.58 9.41 -17.72
N SER A 188 4.72 10.08 -17.54
CA SER A 188 5.42 9.98 -16.26
C SER A 188 4.67 10.72 -15.15
N GLY A 189 4.05 11.84 -15.48
CA GLY A 189 3.30 12.59 -14.48
C GLY A 189 2.22 11.75 -13.80
N GLU A 190 1.53 10.92 -14.58
CA GLU A 190 0.50 10.06 -14.04
C GLU A 190 1.05 8.95 -13.16
N GLU A 191 2.37 8.79 -13.10
CA GLU A 191 3.01 7.84 -12.21
C GLU A 191 3.62 8.51 -10.99
N LYS A 192 3.24 9.75 -10.70
CA LYS A 192 3.95 10.52 -9.67
C LYS A 192 3.87 9.83 -8.31
N THR A 193 2.71 9.27 -7.96
CA THR A 193 2.56 8.67 -6.63
C THR A 193 3.53 7.51 -6.43
N TRP A 194 3.83 6.74 -7.48
CA TRP A 194 4.83 5.70 -7.33
C TRP A 194 6.18 6.29 -6.97
N MET A 195 6.53 7.41 -7.61
CA MET A 195 7.77 8.09 -7.25
C MET A 195 7.78 8.53 -5.78
N TRP A 196 6.61 8.91 -5.26
CA TRP A 196 6.50 9.21 -3.84
C TRP A 196 6.95 8.02 -3.01
N TRP A 197 6.41 6.83 -3.32
CA TRP A 197 6.77 5.63 -2.58
C TRP A 197 8.24 5.26 -2.80
N HIS A 198 8.69 5.27 -4.05
CA HIS A 198 10.06 4.87 -4.35
C HIS A 198 11.06 5.70 -3.57
N ASN A 199 10.91 7.03 -3.60
CA ASN A 199 11.85 7.88 -2.89
C ASN A 199 11.79 7.65 -1.39
N PHE A 200 10.58 7.47 -0.85
CA PHE A 200 10.45 7.29 0.59
C PHE A 200 11.16 6.02 1.06
N ARG A 201 10.93 4.91 0.36
CA ARG A 201 11.55 3.65 0.79
C ARG A 201 13.05 3.62 0.50
N THR A 202 13.48 4.31 -0.56
CA THR A 202 14.92 4.43 -0.81
C THR A 202 15.59 5.22 0.32
N LEU A 203 14.99 6.33 0.72
CA LEU A 203 15.49 7.06 1.88
C LEU A 203 15.55 6.18 3.11
N CYS A 204 14.58 5.27 3.25
CA CYS A 204 14.54 4.34 4.38
C CYS A 204 15.36 3.09 4.12
N ASP A 205 16.15 3.07 3.05
CA ASP A 205 17.11 2.00 2.78
C ASP A 205 16.42 0.64 2.68
N TYR A 206 15.23 0.61 2.11
CA TYR A 206 14.52 -0.63 1.84
C TYR A 206 14.27 -1.43 3.12
N SER A 207 13.75 -0.75 4.14
CA SER A 207 13.45 -1.43 5.40
C SER A 207 12.36 -2.46 5.20
N LYS A 208 12.61 -3.69 5.66
CA LYS A 208 11.63 -4.76 5.51
C LYS A 208 10.35 -4.50 6.28
N ARG A 209 10.33 -3.50 7.16
CA ARG A 209 9.15 -3.19 7.95
C ARG A 209 8.28 -2.13 7.31
N ILE A 210 8.65 -1.64 6.13
CA ILE A 210 7.95 -0.55 5.45
C ILE A 210 7.29 -1.13 4.20
N ALA A 211 5.96 -1.20 4.22
CA ALA A 211 5.17 -1.77 3.13
C ALA A 211 4.23 -0.72 2.57
N VAL A 212 3.50 -1.09 1.52
CA VAL A 212 2.61 -0.18 0.80
C VAL A 212 1.17 -0.50 1.17
N ALA A 213 0.37 0.55 1.34
CA ALA A 213 -1.08 0.45 1.53
C ALA A 213 -1.71 1.21 0.37
N LEU A 214 -1.88 0.52 -0.77
CA LEU A 214 -2.31 1.18 -2.00
C LEU A 214 -3.79 1.54 -1.90
N GLU A 215 -4.10 2.82 -2.12
CA GLU A 215 -5.46 3.32 -2.05
C GLU A 215 -6.03 3.47 -3.45
N ILE A 216 -7.21 2.90 -3.67
CA ILE A 216 -7.83 2.81 -4.97
C ILE A 216 -8.85 3.94 -5.12
N GLY A 217 -8.78 4.68 -6.23
CA GLY A 217 -9.68 5.78 -6.46
C GLY A 217 -10.90 5.39 -7.29
N ALA A 218 -11.85 6.34 -7.37
CA ALA A 218 -13.07 6.10 -8.12
C ALA A 218 -12.78 5.81 -9.59
N ASP A 219 -11.81 6.51 -10.17
CA ASP A 219 -11.41 6.32 -11.55
C ASP A 219 -9.99 5.77 -11.58
N LEU A 220 -9.83 4.60 -12.21
CA LEU A 220 -8.52 3.99 -12.28
C LEU A 220 -7.66 4.67 -13.33
N PRO A 221 -6.34 4.71 -13.11
CA PRO A 221 -5.46 5.33 -14.11
C PRO A 221 -5.15 4.40 -15.26
N SER A 222 -4.23 4.80 -16.13
CA SER A 222 -3.80 3.92 -17.21
C SER A 222 -3.20 2.63 -16.64
N ASN A 223 -3.16 1.60 -17.48
CA ASN A 223 -2.60 0.32 -17.05
C ASN A 223 -1.15 0.48 -16.60
N HIS A 224 -0.39 1.34 -17.27
CA HIS A 224 1.02 1.47 -16.93
C HIS A 224 1.20 2.03 -15.53
N VAL A 225 0.32 2.93 -15.10
CA VAL A 225 0.37 3.44 -13.74
C VAL A 225 0.09 2.32 -12.74
N ILE A 226 -0.87 1.45 -13.05
CA ILE A 226 -1.18 0.33 -12.16
C ILE A 226 -0.06 -0.69 -12.16
N ASP A 227 0.43 -1.05 -13.36
CA ASP A 227 1.53 -1.99 -13.45
C ASP A 227 2.77 -1.49 -12.71
N ARG A 228 2.90 -0.17 -12.54
CA ARG A 228 4.05 0.38 -11.83
C ARG A 228 4.23 -0.29 -10.48
N TRP A 229 3.14 -0.63 -9.81
CA TRP A 229 3.20 -1.21 -8.47
C TRP A 229 3.43 -2.72 -8.50
N LEU A 230 3.62 -3.31 -9.66
CA LEU A 230 4.01 -4.71 -9.73
C LEU A 230 5.36 -4.90 -9.04
N GLY A 231 5.45 -5.93 -8.20
CA GLY A 231 6.67 -6.22 -7.47
C GLY A 231 6.87 -5.39 -6.22
N GLU A 232 6.01 -4.41 -5.95
CA GLU A 232 6.16 -3.62 -4.75
C GLU A 232 5.58 -4.35 -3.53
N PRO A 233 6.13 -4.13 -2.34
CA PRO A 233 5.62 -4.81 -1.15
C PRO A 233 4.25 -4.31 -0.73
N ILE A 234 3.24 -4.56 -1.53
CA ILE A 234 1.87 -4.14 -1.22
C ILE A 234 1.32 -5.09 -0.15
N LYS A 235 1.07 -4.55 1.04
CA LYS A 235 0.48 -5.34 2.11
C LYS A 235 -1.03 -5.12 2.25
N ALA A 236 -1.55 -3.99 1.80
CA ALA A 236 -2.96 -3.71 1.96
C ALA A 236 -3.46 -2.88 0.79
N ALA A 237 -4.72 -3.13 0.42
CA ALA A 237 -5.45 -2.31 -0.54
C ALA A 237 -6.61 -1.63 0.18
N ILE A 238 -6.75 -0.33 -0.04
CA ILE A 238 -7.76 0.48 0.63
C ILE A 238 -8.85 0.83 -0.37
N LEU A 239 -10.09 0.43 -0.06
CA LEU A 239 -11.24 0.66 -0.94
C LEU A 239 -12.21 1.62 -0.29
N PRO A 240 -12.26 2.88 -0.71
CA PRO A 240 -13.28 3.80 -0.17
C PRO A 240 -14.67 3.39 -0.60
N THR A 241 -15.64 3.56 0.30
CA THR A 241 -17.01 3.22 -0.02
C THR A 241 -17.56 4.05 -1.17
N SER A 242 -16.96 5.22 -1.44
CA SER A 242 -17.46 6.09 -2.49
C SER A 242 -17.15 5.58 -3.89
N ILE A 243 -16.30 4.57 -4.04
CA ILE A 243 -16.01 4.01 -5.36
C ILE A 243 -16.99 2.91 -5.76
N PHE A 244 -17.76 2.37 -4.82
CA PHE A 244 -18.68 1.30 -5.15
C PHE A 244 -19.89 1.83 -5.93
N LEU A 245 -20.37 1.01 -6.87
CA LEU A 245 -21.54 1.33 -7.66
C LEU A 245 -22.79 0.85 -6.91
N THR A 246 -23.92 0.75 -7.61
CA THR A 246 -25.15 0.26 -7.02
C THR A 246 -25.93 -0.49 -8.09
N ASN A 247 -26.14 -1.79 -7.88
CA ASN A 247 -26.88 -2.60 -8.85
C ASN A 247 -28.37 -2.35 -8.68
N LYS A 248 -29.19 -3.12 -9.41
CA LYS A 248 -30.63 -2.91 -9.38
C LYS A 248 -31.17 -3.05 -7.96
N LYS A 249 -30.74 -4.09 -7.24
CA LYS A 249 -31.26 -4.36 -5.91
C LYS A 249 -30.82 -3.31 -4.87
N GLY A 250 -29.89 -2.44 -5.21
CA GLY A 250 -29.45 -1.41 -4.30
C GLY A 250 -28.24 -1.74 -3.45
N PHE A 251 -27.50 -2.81 -3.78
CA PHE A 251 -26.33 -3.20 -3.01
C PHE A 251 -25.06 -2.65 -3.65
N PRO A 252 -24.03 -2.38 -2.84
CA PRO A 252 -22.78 -1.86 -3.39
C PRO A 252 -22.05 -2.92 -4.20
N VAL A 253 -21.56 -2.53 -5.37
CA VAL A 253 -20.80 -3.40 -6.25
C VAL A 253 -19.64 -2.59 -6.82
N LEU A 254 -18.88 -3.22 -7.72
CA LEU A 254 -17.73 -2.59 -8.34
C LEU A 254 -17.79 -2.74 -9.85
N SER A 255 -17.18 -1.79 -10.56
CA SER A 255 -17.10 -1.88 -12.00
C SER A 255 -16.21 -3.05 -12.41
N LYS A 256 -16.45 -3.55 -13.64
CA LYS A 256 -15.65 -4.66 -14.14
C LYS A 256 -14.16 -4.34 -14.11
N MET A 257 -13.80 -3.06 -14.30
CA MET A 257 -12.39 -2.68 -14.22
C MET A 257 -11.88 -2.79 -12.79
N HIS A 258 -12.65 -2.31 -11.82
CA HIS A 258 -12.25 -2.44 -10.42
C HIS A 258 -12.19 -3.91 -10.00
N GLN A 259 -13.14 -4.72 -10.47
CA GLN A 259 -13.09 -6.15 -10.19
C GLN A 259 -11.81 -6.76 -10.75
N ARG A 260 -11.39 -6.32 -11.94
CA ARG A 260 -10.14 -6.79 -12.52
C ARG A 260 -8.97 -6.51 -11.58
N LEU A 261 -8.97 -5.33 -10.95
CA LEU A 261 -7.90 -4.99 -10.02
C LEU A 261 -8.01 -5.79 -8.73
N ILE A 262 -9.23 -5.96 -8.21
CA ILE A 262 -9.40 -6.75 -6.99
C ILE A 262 -8.92 -8.17 -7.20
N PHE A 263 -9.18 -8.73 -8.38
CA PHE A 263 -8.71 -10.08 -8.68
C PHE A 263 -7.18 -10.13 -8.69
N ARG A 264 -6.55 -9.15 -9.34
CA ARG A 264 -5.09 -9.09 -9.32
C ARG A 264 -4.57 -8.99 -7.89
N LEU A 265 -5.26 -8.22 -7.03
CA LEU A 265 -4.80 -8.04 -5.66
C LEU A 265 -4.98 -9.29 -4.82
N LEU A 266 -6.02 -10.10 -5.12
CA LEU A 266 -6.20 -11.34 -4.38
C LEU A 266 -5.06 -12.31 -4.65
N LYS A 267 -4.50 -12.29 -5.86
CA LYS A 267 -3.33 -13.14 -6.14
C LYS A 267 -2.16 -12.78 -5.25
N LEU A 268 -2.08 -11.53 -4.81
CA LEU A 268 -1.06 -11.09 -3.86
C LEU A 268 -1.48 -11.28 -2.40
N GLU A 269 -2.71 -11.75 -2.17
CA GLU A 269 -3.19 -12.02 -0.82
C GLU A 269 -3.00 -10.81 0.09
N VAL A 270 -3.25 -9.62 -0.45
CA VAL A 270 -3.20 -8.43 0.38
C VAL A 270 -4.40 -8.41 1.32
N GLN A 271 -4.32 -7.57 2.34
CA GLN A 271 -5.44 -7.31 3.22
C GLN A 271 -6.19 -6.09 2.71
N PHE A 272 -7.50 -6.25 2.50
CA PHE A 272 -8.33 -5.17 2.01
C PHE A 272 -8.90 -4.36 3.17
N ILE A 273 -8.92 -3.04 2.98
CA ILE A 273 -9.36 -2.10 4.02
C ILE A 273 -10.49 -1.27 3.44
N ILE A 274 -11.60 -1.20 4.18
CA ILE A 274 -12.77 -0.43 3.77
C ILE A 274 -12.77 0.88 4.56
N THR A 275 -12.68 1.99 3.83
CA THR A 275 -12.68 3.32 4.44
C THR A 275 -13.87 4.12 3.91
N GLY A 276 -14.25 5.15 4.66
CA GLY A 276 -15.39 5.97 4.33
C GLY A 276 -16.65 5.52 5.05
N THR A 277 -17.66 6.41 5.01
CA THR A 277 -18.93 6.14 5.66
C THR A 277 -19.86 5.35 4.75
N ASN A 278 -20.96 4.88 5.33
CA ASN A 278 -21.94 4.09 4.61
C ASN A 278 -22.78 5.01 3.72
N HIS A 279 -22.63 4.87 2.40
CA HIS A 279 -23.42 5.64 1.45
C HIS A 279 -24.61 4.86 0.91
N HIS A 280 -24.65 3.54 1.10
CA HIS A 280 -25.82 2.73 0.76
C HIS A 280 -26.63 2.46 2.03
N SER A 281 -27.15 3.54 2.61
CA SER A 281 -27.82 3.46 3.90
C SER A 281 -29.03 2.54 3.87
N GLU A 282 -29.56 2.22 2.68
CA GLU A 282 -30.68 1.27 2.61
C GLU A 282 -30.24 -0.12 3.06
N LYS A 283 -28.96 -0.44 2.88
CA LYS A 283 -28.41 -1.73 3.29
C LYS A 283 -27.47 -1.52 4.49
N GLU A 284 -27.26 -2.60 5.24
CA GLU A 284 -26.34 -2.54 6.36
C GLU A 284 -24.90 -2.43 5.86
N PHE A 285 -23.97 -2.26 6.80
CA PHE A 285 -22.62 -1.91 6.41
C PHE A 285 -21.78 -3.11 6.00
N CYS A 286 -22.14 -4.32 6.42
CA CYS A 286 -21.38 -5.49 6.03
C CYS A 286 -21.53 -5.75 4.53
N SER A 287 -22.40 -4.97 3.87
CA SER A 287 -22.66 -5.14 2.45
C SER A 287 -21.38 -4.98 1.62
N TYR A 288 -20.63 -3.90 1.88
CA TYR A 288 -19.36 -3.71 1.19
C TYR A 288 -18.46 -4.92 1.36
N LEU A 289 -18.34 -5.39 2.61
CA LEU A 289 -17.49 -6.55 2.88
C LEU A 289 -18.01 -7.78 2.15
N GLN A 290 -19.33 -8.00 2.17
CA GLN A 290 -19.90 -9.15 1.47
C GLN A 290 -19.49 -9.17 0.00
N TYR A 291 -19.47 -8.00 -0.63
CA TYR A 291 -19.08 -7.95 -2.04
C TYR A 291 -17.66 -8.46 -2.22
N LEU A 292 -16.74 -8.06 -1.34
CA LEU A 292 -15.39 -8.60 -1.37
C LEU A 292 -15.41 -10.12 -1.26
N GLU A 293 -16.06 -10.64 -0.22
CA GLU A 293 -16.22 -12.08 -0.08
C GLU A 293 -16.74 -12.70 -1.36
N TYR A 294 -17.83 -12.15 -1.89
CA TYR A 294 -18.42 -12.64 -3.13
C TYR A 294 -17.39 -12.68 -4.25
N LEU A 295 -16.66 -11.59 -4.45
CA LEU A 295 -15.63 -11.57 -5.49
C LEU A 295 -14.56 -12.62 -5.24
N SER A 296 -14.12 -12.76 -3.98
CA SER A 296 -13.10 -13.75 -3.67
C SER A 296 -13.56 -15.15 -4.08
N GLN A 297 -14.83 -15.48 -3.85
CA GLN A 297 -15.34 -16.79 -4.17
C GLN A 297 -15.36 -17.07 -5.67
N ASN A 298 -15.33 -16.02 -6.51
CA ASN A 298 -15.54 -16.14 -7.95
C ASN A 298 -14.20 -15.93 -8.67
N ARG A 299 -13.37 -16.98 -8.67
CA ARG A 299 -12.13 -16.95 -9.43
C ARG A 299 -11.66 -18.38 -9.75
N PRO A 300 -10.64 -18.53 -10.58
CA PRO A 300 -10.20 -19.87 -10.98
C PRO A 300 -8.69 -20.01 -10.88
N PRO A 301 -8.20 -21.00 -10.14
CA PRO A 301 -6.75 -21.25 -10.11
C PRO A 301 -6.39 -22.55 -10.82
N PRO A 302 -5.62 -22.47 -11.92
CA PRO A 302 -5.16 -23.69 -12.62
C PRO A 302 -4.92 -24.88 -11.71
N ASN A 303 -5.45 -26.04 -12.13
CA ASN A 303 -5.34 -27.26 -11.34
C ASN A 303 -3.89 -27.54 -10.97
N ALA A 304 -3.68 -27.90 -9.71
CA ALA A 304 -2.37 -28.30 -9.25
C ALA A 304 -1.37 -27.16 -9.29
N TYR A 305 -0.89 -26.79 -10.50
CA TYR A 305 0.27 -25.90 -10.57
C TYR A 305 0.06 -24.62 -9.77
N GLU A 306 -1.18 -24.17 -9.60
CA GLU A 306 -1.42 -23.05 -8.71
C GLU A 306 -1.81 -23.50 -7.31
N LEU A 307 -2.49 -24.63 -7.18
CA LEU A 307 -2.58 -25.34 -5.92
C LEU A 307 -1.17 -25.64 -5.43
N PHE A 308 -0.48 -26.52 -6.17
CA PHE A 308 0.91 -26.91 -5.98
C PHE A 308 1.80 -25.86 -5.30
N ALA A 309 2.09 -24.77 -6.01
CA ALA A 309 3.15 -23.85 -5.64
C ALA A 309 2.64 -22.60 -4.92
N LYS A 310 1.41 -22.61 -4.42
CA LYS A 310 0.94 -21.45 -3.67
C LYS A 310 1.77 -21.19 -2.44
N GLY A 311 2.29 -22.25 -1.80
CA GLY A 311 3.13 -22.09 -0.64
C GLY A 311 4.57 -21.75 -0.92
N TYR A 312 5.02 -21.90 -2.17
CA TYR A 312 6.41 -21.62 -2.54
C TYR A 312 6.57 -20.28 -3.24
N GLU A 313 5.60 -19.38 -3.11
CA GLU A 313 5.60 -18.14 -3.84
C GLU A 313 6.65 -17.18 -3.27
N ASP A 314 7.58 -16.75 -4.13
CA ASP A 314 8.66 -15.84 -3.75
C ASP A 314 9.52 -16.41 -2.63
N TYR A 315 9.53 -17.72 -2.47
CA TYR A 315 10.37 -18.38 -1.47
C TYR A 315 11.70 -18.76 -2.12
N LEU A 316 12.78 -18.15 -1.64
CA LEU A 316 14.09 -18.42 -2.22
C LEU A 316 14.58 -19.81 -1.82
N GLN A 317 15.14 -20.53 -2.79
CA GLN A 317 15.69 -21.85 -2.59
C GLN A 317 17.08 -21.94 -3.21
N SER A 318 17.97 -22.67 -2.55
CA SER A 318 19.28 -22.93 -3.11
C SER A 318 19.16 -23.90 -4.28
N PRO A 319 19.70 -23.58 -5.45
CA PRO A 319 19.63 -24.52 -6.57
C PRO A 319 20.30 -25.85 -6.22
N LEU A 320 19.65 -26.93 -6.61
CA LEU A 320 20.25 -28.25 -6.40
C LEU A 320 21.55 -28.37 -7.17
N GLN A 321 22.45 -29.21 -6.65
CA GLN A 321 23.65 -29.63 -7.35
C GLN A 321 23.72 -31.14 -7.24
N PRO A 322 22.89 -31.85 -8.00
CA PRO A 322 22.82 -33.32 -7.86
C PRO A 322 24.11 -34.03 -8.21
N LEU A 323 25.07 -33.34 -8.83
CA LEU A 323 26.37 -33.94 -9.08
C LEU A 323 27.25 -33.89 -7.84
N MET A 324 27.56 -32.67 -7.38
CA MET A 324 28.41 -32.51 -6.20
C MET A 324 27.74 -33.06 -4.95
N ASP A 325 26.41 -32.99 -4.87
CA ASP A 325 25.68 -33.44 -3.70
C ASP A 325 24.86 -34.69 -4.02
N ASN A 326 24.63 -35.51 -2.99
CA ASN A 326 23.74 -36.65 -3.08
C ASN A 326 22.36 -36.24 -2.60
N LEU A 327 21.36 -36.36 -3.47
CA LEU A 327 20.02 -35.90 -3.14
C LEU A 327 19.36 -36.79 -2.10
N GLU A 328 18.57 -36.18 -1.22
CA GLU A 328 17.89 -36.91 -0.17
C GLU A 328 16.71 -37.70 -0.74
N SER A 329 16.16 -38.58 0.09
CA SER A 329 15.07 -39.44 -0.36
C SER A 329 13.87 -38.62 -0.81
N GLN A 330 13.42 -37.67 0.02
CA GLN A 330 12.22 -36.92 -0.31
C GLN A 330 12.45 -35.94 -1.44
N THR A 331 13.70 -35.63 -1.78
CA THR A 331 13.97 -34.81 -2.95
C THR A 331 13.66 -35.59 -4.24
N TYR A 332 14.04 -36.87 -4.28
CA TYR A 332 13.63 -37.72 -5.40
C TYR A 332 12.12 -37.87 -5.44
N GLU A 333 11.47 -37.94 -4.27
CA GLU A 333 10.02 -38.01 -4.22
C GLU A 333 9.40 -36.85 -4.98
N VAL A 334 9.91 -35.64 -4.76
CA VAL A 334 9.41 -34.47 -5.48
C VAL A 334 9.57 -34.66 -6.99
N PHE A 335 10.72 -35.18 -7.41
CA PHE A 335 10.92 -35.42 -8.85
C PHE A 335 9.86 -36.36 -9.40
N GLU A 336 9.45 -37.34 -8.60
CA GLU A 336 8.57 -38.40 -9.08
C GLU A 336 7.10 -38.03 -9.03
N LYS A 337 6.74 -36.93 -8.36
CA LYS A 337 5.33 -36.57 -8.23
C LYS A 337 4.88 -35.71 -9.40
N ASP A 338 5.40 -36.00 -10.59
CA ASP A 338 5.10 -35.22 -11.79
C ASP A 338 4.91 -36.16 -12.97
N PRO A 339 3.73 -36.79 -13.07
CA PRO A 339 3.53 -37.78 -14.14
C PRO A 339 3.67 -37.18 -15.54
N ILE A 340 3.16 -35.97 -15.74
CA ILE A 340 3.24 -35.35 -17.07
C ILE A 340 4.69 -35.28 -17.54
N LYS A 341 5.62 -35.01 -16.62
CA LYS A 341 7.02 -34.91 -17.00
C LYS A 341 7.54 -36.24 -17.54
N TYR A 342 7.22 -37.35 -16.87
CA TYR A 342 7.79 -38.63 -17.27
C TYR A 342 7.04 -39.26 -18.43
N SER A 343 5.73 -39.03 -18.54
CA SER A 343 5.01 -39.48 -19.74
C SER A 343 5.56 -38.80 -20.98
N GLN A 344 6.11 -37.59 -20.83
CA GLN A 344 6.83 -36.96 -21.94
C GLN A 344 8.10 -37.73 -22.27
N TYR A 345 8.83 -38.19 -21.24
CA TYR A 345 9.98 -39.06 -21.47
C TYR A 345 9.56 -40.35 -22.14
N GLN A 346 8.52 -40.99 -21.62
CA GLN A 346 8.03 -42.25 -22.21
C GLN A 346 7.72 -42.06 -23.69
N GLN A 347 6.93 -41.04 -24.03
CA GLN A 347 6.64 -40.77 -25.44
C GLN A 347 7.93 -40.55 -26.22
N ALA A 348 8.86 -39.76 -25.66
CA ALA A 348 10.11 -39.49 -26.36
C ALA A 348 10.88 -40.77 -26.63
N ILE A 349 10.93 -41.68 -25.65
CA ILE A 349 11.58 -42.97 -25.87
C ILE A 349 10.78 -43.80 -26.86
N TYR A 350 9.45 -43.83 -26.71
CA TYR A 350 8.59 -44.56 -27.62
C TYR A 350 8.87 -44.21 -29.07
N LYS A 351 8.73 -42.92 -29.42
CA LYS A 351 8.99 -42.49 -30.79
C LYS A 351 10.37 -42.93 -31.27
N CYS A 352 11.36 -42.91 -30.37
CA CYS A 352 12.72 -43.23 -30.79
C CYS A 352 12.88 -44.71 -31.09
N LEU A 353 12.26 -45.58 -30.30
CA LEU A 353 12.36 -47.01 -30.55
C LEU A 353 11.79 -47.39 -31.90
N LEU A 354 10.62 -46.82 -32.25
CA LEU A 354 10.03 -47.12 -33.55
C LEU A 354 10.93 -46.65 -34.69
N ASP A 355 11.53 -45.46 -34.54
CA ASP A 355 12.36 -44.92 -35.60
C ASP A 355 13.67 -45.69 -35.79
N ARG A 356 14.09 -46.46 -34.79
CA ARG A 356 15.35 -47.18 -34.86
C ARG A 356 15.19 -48.68 -35.09
N VAL A 357 13.99 -49.22 -34.92
CA VAL A 357 13.76 -50.65 -35.09
C VAL A 357 12.56 -50.86 -36.02
N PRO A 358 12.78 -51.19 -37.29
CA PRO A 358 11.65 -51.42 -38.19
C PRO A 358 10.80 -52.60 -37.74
N GLU A 359 9.56 -52.63 -38.22
CA GLU A 359 8.61 -53.64 -37.78
C GLU A 359 9.13 -55.05 -37.99
N GLU A 360 9.87 -55.28 -39.08
CA GLU A 360 10.35 -56.62 -39.38
C GLU A 360 11.45 -57.09 -38.44
N GLU A 361 12.04 -56.19 -37.66
CA GLU A 361 13.12 -56.53 -36.74
C GLU A 361 12.70 -56.46 -35.28
N LYS A 362 11.39 -56.40 -35.02
CA LYS A 362 10.91 -56.16 -33.65
C LYS A 362 11.28 -57.29 -32.70
N ASP A 363 11.61 -58.48 -33.22
CA ASP A 363 11.94 -59.61 -32.38
C ASP A 363 13.44 -59.89 -32.31
N THR A 364 14.21 -59.38 -33.26
CA THR A 364 15.65 -59.64 -33.32
C THR A 364 16.50 -58.47 -32.86
N ASN A 365 15.98 -57.24 -32.92
CA ASN A 365 16.76 -56.04 -32.62
C ASN A 365 16.45 -55.60 -31.20
N VAL A 366 17.39 -55.84 -30.29
CA VAL A 366 17.29 -55.42 -28.90
C VAL A 366 18.10 -54.14 -28.73
N GLN A 367 17.44 -53.07 -28.29
CA GLN A 367 18.08 -51.77 -28.13
C GLN A 367 18.68 -51.65 -26.74
N VAL A 368 19.87 -51.06 -26.67
CA VAL A 368 20.58 -50.87 -25.41
C VAL A 368 20.26 -49.46 -24.91
N LEU A 369 19.38 -49.36 -23.92
CA LEU A 369 19.06 -48.09 -23.28
C LEU A 369 19.86 -47.93 -22.00
N MET A 370 20.30 -46.70 -21.74
CA MET A 370 21.07 -46.37 -20.55
C MET A 370 20.50 -45.11 -19.92
N VAL A 371 19.90 -45.24 -18.74
CA VAL A 371 19.52 -44.09 -17.94
C VAL A 371 20.76 -43.57 -17.22
N LEU A 372 21.14 -42.34 -17.51
CA LEU A 372 22.32 -41.73 -16.92
C LEU A 372 21.85 -40.78 -15.83
N GLY A 373 21.82 -41.26 -14.59
CA GLY A 373 21.24 -40.53 -13.48
C GLY A 373 19.86 -41.04 -13.17
N ALA A 374 19.76 -42.32 -12.80
CA ALA A 374 18.48 -43.00 -12.67
C ALA A 374 17.72 -42.64 -11.41
N GLY A 375 18.35 -41.96 -10.44
CA GLY A 375 17.66 -41.65 -9.20
C GLY A 375 17.08 -42.91 -8.58
N ARG A 376 15.77 -42.87 -8.31
CA ARG A 376 15.06 -44.00 -7.75
C ARG A 376 14.34 -44.85 -8.80
N GLY A 377 14.41 -44.47 -10.07
CA GLY A 377 13.98 -45.31 -11.16
C GLY A 377 12.72 -44.90 -11.91
N PRO A 378 12.36 -43.61 -11.90
CA PRO A 378 11.20 -43.21 -12.72
C PRO A 378 11.49 -43.28 -14.21
N LEU A 379 12.70 -42.95 -14.64
CA LEU A 379 13.05 -43.09 -16.05
C LEU A 379 13.16 -44.57 -16.45
N VAL A 380 13.66 -45.40 -15.54
CA VAL A 380 13.75 -46.83 -15.82
C VAL A 380 12.38 -47.40 -16.13
N ASN A 381 11.40 -47.13 -15.26
CA ASN A 381 10.04 -47.59 -15.51
C ASN A 381 9.48 -46.96 -16.79
N ALA A 382 9.72 -45.67 -16.99
CA ALA A 382 9.25 -45.01 -18.20
C ALA A 382 9.83 -45.70 -19.44
N SER A 383 11.08 -46.14 -19.37
CA SER A 383 11.68 -46.87 -20.49
C SER A 383 10.98 -48.21 -20.68
N LEU A 384 10.70 -48.93 -19.59
CA LEU A 384 9.99 -50.20 -19.70
C LEU A 384 8.61 -49.98 -20.33
N ARG A 385 7.86 -49.00 -19.84
CA ARG A 385 6.54 -48.73 -20.41
C ARG A 385 6.64 -48.28 -21.87
N ALA A 386 7.76 -47.67 -22.24
CA ALA A 386 7.93 -47.22 -23.62
C ALA A 386 8.16 -48.40 -24.56
N ALA A 387 8.96 -49.38 -24.12
CA ALA A 387 9.19 -50.56 -24.96
C ALA A 387 7.92 -51.37 -25.16
N LYS A 388 7.10 -51.48 -24.11
CA LYS A 388 5.86 -52.24 -24.21
C LYS A 388 4.93 -51.63 -25.26
N GLN A 389 4.59 -50.35 -25.10
CA GLN A 389 3.67 -49.72 -26.03
C GLN A 389 4.23 -49.65 -27.45
N ALA A 390 5.56 -49.68 -27.60
CA ALA A 390 6.18 -49.72 -28.91
C ALA A 390 6.38 -51.14 -29.42
N ASP A 391 6.20 -52.15 -28.57
CA ASP A 391 6.37 -53.55 -28.95
C ASP A 391 7.76 -53.81 -29.51
N ARG A 392 8.77 -53.36 -28.77
CA ARG A 392 10.16 -53.58 -29.10
C ARG A 392 10.90 -54.10 -27.88
N ARG A 393 12.13 -54.55 -28.09
CA ARG A 393 12.95 -55.15 -27.04
C ARG A 393 14.08 -54.20 -26.65
N ILE A 394 14.30 -54.05 -25.34
CA ILE A 394 15.32 -53.15 -24.82
C ILE A 394 16.10 -53.85 -23.72
N LYS A 395 17.39 -53.55 -23.65
CA LYS A 395 18.26 -53.96 -22.55
C LYS A 395 18.63 -52.71 -21.77
N LEU A 396 18.27 -52.69 -20.48
CA LEU A 396 18.33 -51.49 -19.67
C LEU A 396 19.55 -51.46 -18.77
N TYR A 397 20.21 -50.31 -18.72
CA TYR A 397 21.21 -50.00 -17.71
C TYR A 397 20.71 -48.82 -16.89
N ALA A 398 20.83 -48.92 -15.57
CA ALA A 398 20.41 -47.88 -14.65
C ALA A 398 21.65 -47.35 -13.94
N VAL A 399 22.19 -46.24 -14.45
CA VAL A 399 23.40 -45.65 -13.88
C VAL A 399 22.99 -44.57 -12.89
N GLU A 400 23.64 -44.57 -11.72
CA GLU A 400 23.34 -43.60 -10.67
C GLU A 400 24.50 -43.58 -9.70
N LYS A 401 25.11 -42.42 -9.49
CA LYS A 401 26.27 -42.32 -8.62
C LYS A 401 25.90 -42.11 -7.16
N ASN A 402 24.70 -41.64 -6.88
CA ASN A 402 24.22 -41.48 -5.50
C ASN A 402 23.96 -42.85 -4.89
N PRO A 403 24.87 -43.36 -4.06
CA PRO A 403 24.71 -44.74 -3.57
C PRO A 403 23.44 -44.96 -2.77
N ASN A 404 22.96 -43.93 -2.07
CA ASN A 404 21.73 -44.08 -1.28
C ASN A 404 20.54 -44.41 -2.18
N ALA A 405 20.47 -43.78 -3.35
CA ALA A 405 19.39 -44.10 -4.29
C ALA A 405 19.62 -45.43 -4.99
N VAL A 406 20.88 -45.84 -5.15
CA VAL A 406 21.17 -47.17 -5.68
C VAL A 406 20.56 -48.25 -4.80
N VAL A 407 20.38 -47.95 -3.50
CA VAL A 407 19.67 -48.87 -2.63
C VAL A 407 18.23 -49.05 -3.12
N THR A 408 17.57 -47.94 -3.46
CA THR A 408 16.22 -48.03 -4.00
C THR A 408 16.20 -48.76 -5.33
N LEU A 409 17.18 -48.49 -6.20
CA LEU A 409 17.19 -49.11 -7.52
C LEU A 409 17.34 -50.62 -7.41
N GLU A 410 18.24 -51.09 -6.54
CA GLU A 410 18.55 -52.52 -6.51
C GLU A 410 17.45 -53.31 -5.80
N ASN A 411 16.75 -52.70 -4.85
CA ASN A 411 15.55 -53.34 -4.33
C ASN A 411 14.45 -53.39 -5.40
N TRP A 412 14.34 -52.34 -6.22
CA TRP A 412 13.44 -52.39 -7.37
C TRP A 412 13.87 -53.47 -8.35
N GLN A 413 15.17 -53.58 -8.60
CA GLN A 413 15.67 -54.51 -9.61
C GLN A 413 15.45 -55.96 -9.18
N PHE A 414 15.65 -56.26 -7.89
CA PHE A 414 15.44 -57.63 -7.41
C PHE A 414 13.97 -57.97 -7.31
N GLU A 415 13.16 -57.03 -6.81
CA GLU A 415 11.75 -57.33 -6.57
C GLU A 415 10.91 -57.28 -7.84
N GLU A 416 11.24 -56.39 -8.78
CA GLU A 416 10.37 -56.18 -9.93
C GLU A 416 11.11 -56.31 -11.25
N TRP A 417 12.02 -55.37 -11.54
CA TRP A 417 12.62 -55.29 -12.87
C TRP A 417 13.22 -56.61 -13.30
N GLY A 418 14.00 -57.24 -12.43
CA GLY A 418 14.65 -58.48 -12.81
C GLY A 418 15.91 -58.24 -13.62
N SER A 419 16.36 -59.30 -14.28
CA SER A 419 17.61 -59.26 -15.03
C SER A 419 17.58 -58.26 -16.18
N GLN A 420 16.40 -57.84 -16.61
CA GLN A 420 16.32 -56.93 -17.75
C GLN A 420 17.02 -55.61 -17.46
N VAL A 421 17.04 -55.17 -16.21
CA VAL A 421 17.66 -53.92 -15.81
C VAL A 421 18.96 -54.23 -15.08
N THR A 422 20.04 -53.55 -15.48
CA THR A 422 21.33 -53.65 -14.82
C THR A 422 21.62 -52.33 -14.12
N VAL A 423 21.70 -52.37 -12.78
CA VAL A 423 22.02 -51.18 -12.01
C VAL A 423 23.53 -51.02 -11.98
N VAL A 424 24.00 -49.80 -12.24
CA VAL A 424 25.42 -49.48 -12.24
C VAL A 424 25.61 -48.31 -11.28
N SER A 425 26.27 -48.57 -10.15
CA SER A 425 26.51 -47.53 -9.13
C SER A 425 27.85 -46.87 -9.42
N SER A 426 27.84 -45.91 -10.34
CA SER A 426 29.07 -45.28 -10.80
C SER A 426 28.76 -43.92 -11.38
N ASP A 427 29.81 -43.10 -11.51
CA ASP A 427 29.70 -41.84 -12.20
C ASP A 427 29.76 -42.09 -13.71
N MET A 428 28.82 -41.51 -14.45
CA MET A 428 28.74 -41.76 -15.88
C MET A 428 30.01 -41.35 -16.61
N ARG A 429 30.78 -40.42 -16.04
CA ARG A 429 32.03 -39.99 -16.67
C ARG A 429 33.17 -40.97 -16.46
N GLU A 430 33.11 -41.78 -15.41
CA GLU A 430 34.15 -42.77 -15.13
C GLU A 430 33.74 -44.20 -15.45
N TRP A 431 32.43 -44.48 -15.52
CA TRP A 431 31.97 -45.85 -15.74
C TRP A 431 32.49 -46.38 -17.07
N VAL A 432 33.03 -47.60 -17.03
CA VAL A 432 33.52 -48.29 -18.22
C VAL A 432 32.39 -49.21 -18.67
N ALA A 433 31.59 -48.74 -19.63
CA ALA A 433 30.44 -49.50 -20.07
C ALA A 433 30.89 -50.81 -20.73
N PRO A 434 30.21 -51.92 -20.43
CA PRO A 434 30.55 -53.18 -21.12
C PRO A 434 30.18 -53.18 -22.59
N GLU A 435 29.26 -52.32 -23.01
CA GLU A 435 28.86 -52.22 -24.41
C GLU A 435 28.45 -50.77 -24.68
N LYS A 436 28.05 -50.50 -25.91
CA LYS A 436 27.62 -49.17 -26.29
C LYS A 436 26.10 -49.11 -26.40
N ALA A 437 25.55 -47.93 -26.09
CA ALA A 437 24.12 -47.76 -25.98
C ALA A 437 23.53 -47.24 -27.30
N ASP A 438 22.30 -47.68 -27.57
CA ASP A 438 21.53 -47.11 -28.67
C ASP A 438 20.85 -45.81 -28.25
N ILE A 439 20.48 -45.68 -26.98
CA ILE A 439 19.80 -44.51 -26.47
C ILE A 439 20.23 -44.27 -25.03
N ILE A 440 20.75 -43.08 -24.75
CA ILE A 440 21.03 -42.63 -23.40
C ILE A 440 19.94 -41.66 -22.99
N VAL A 441 19.33 -41.89 -21.82
CA VAL A 441 18.29 -41.03 -21.28
C VAL A 441 18.81 -40.42 -19.98
N SER A 442 18.60 -39.11 -19.82
CA SER A 442 19.11 -38.41 -18.65
C SER A 442 18.15 -37.30 -18.25
N GLU A 443 18.14 -36.99 -16.96
CA GLU A 443 17.33 -35.92 -16.39
C GLU A 443 18.22 -35.03 -15.52
N LEU A 444 19.31 -34.53 -16.12
CA LEU A 444 20.32 -33.78 -15.41
C LEU A 444 20.14 -32.27 -15.55
N LEU A 445 18.95 -31.82 -15.91
CA LEU A 445 18.70 -30.41 -16.19
C LEU A 445 18.15 -29.69 -14.96
N GLY A 446 18.54 -28.42 -14.79
CA GLY A 446 18.03 -27.58 -13.75
C GLY A 446 17.11 -26.49 -14.28
N SER A 447 16.75 -25.57 -13.38
CA SER A 447 15.88 -24.48 -13.77
C SER A 447 16.49 -23.62 -14.87
N PHE A 448 17.81 -23.47 -14.85
CA PHE A 448 18.53 -22.76 -15.90
C PHE A 448 19.09 -23.72 -16.96
N ALA A 449 18.50 -24.91 -17.07
CA ALA A 449 18.92 -25.93 -18.03
C ALA A 449 20.24 -26.57 -17.61
N ASP A 450 21.35 -25.94 -17.99
CA ASP A 450 22.68 -26.54 -17.81
C ASP A 450 23.31 -26.22 -16.46
N ASN A 451 22.56 -25.67 -15.51
CA ASN A 451 23.17 -25.21 -14.27
C ASN A 451 23.54 -26.36 -13.32
N GLU A 452 23.20 -27.60 -13.65
CA GLU A 452 23.66 -28.76 -12.91
C GLU A 452 24.79 -29.49 -13.62
N LEU A 453 25.30 -28.92 -14.71
CA LEU A 453 26.43 -29.49 -15.45
C LEU A 453 26.02 -30.70 -16.27
N SER A 454 24.80 -30.70 -16.80
CA SER A 454 24.41 -31.75 -17.74
C SER A 454 25.32 -31.80 -18.96
N PRO A 455 25.80 -30.69 -19.52
CA PRO A 455 26.77 -30.80 -20.63
C PRO A 455 28.00 -31.60 -20.27
N GLU A 456 28.60 -31.34 -19.10
CA GLU A 456 29.84 -32.03 -18.73
C GLU A 456 29.59 -33.51 -18.49
N CYS A 457 28.47 -33.86 -17.84
CA CYS A 457 28.19 -35.27 -17.57
C CYS A 457 27.97 -36.04 -18.87
N LEU A 458 27.10 -35.53 -19.74
CA LEU A 458 26.83 -36.23 -20.99
C LEU A 458 28.05 -36.25 -21.89
N ASP A 459 28.91 -35.23 -21.81
CA ASP A 459 30.15 -35.24 -22.59
C ASP A 459 31.04 -36.41 -22.18
N GLY A 460 31.19 -36.63 -20.88
CA GLY A 460 32.02 -37.72 -20.40
C GLY A 460 31.43 -39.10 -20.64
N ALA A 461 30.10 -39.19 -20.76
CA ALA A 461 29.44 -40.44 -21.07
C ALA A 461 29.30 -40.69 -22.57
N GLN A 462 29.75 -39.74 -23.39
CA GLN A 462 29.53 -39.83 -24.83
C GLN A 462 30.29 -40.97 -25.47
N HIS A 463 31.37 -41.46 -24.83
CA HIS A 463 32.21 -42.45 -25.49
C HIS A 463 31.50 -43.79 -25.66
N PHE A 464 30.58 -44.14 -24.76
CA PHE A 464 29.87 -45.40 -24.87
C PHE A 464 28.50 -45.26 -25.52
N LEU A 465 28.30 -44.22 -26.33
CA LEU A 465 27.12 -44.09 -27.18
C LEU A 465 27.50 -44.49 -28.60
N LYS A 466 26.68 -45.36 -29.21
CA LYS A 466 26.95 -45.81 -30.57
C LYS A 466 27.12 -44.63 -31.52
N ASP A 467 27.82 -44.84 -32.63
CA ASP A 467 28.03 -43.77 -33.59
C ASP A 467 26.72 -43.20 -34.12
N ASP A 468 25.64 -43.95 -34.05
CA ASP A 468 24.31 -43.46 -34.43
C ASP A 468 23.39 -43.32 -33.23
N GLY A 469 23.94 -43.30 -32.02
CA GLY A 469 23.11 -43.27 -30.84
C GLY A 469 22.36 -41.97 -30.69
N VAL A 470 21.21 -42.04 -30.00
CA VAL A 470 20.37 -40.90 -29.71
C VAL A 470 20.52 -40.55 -28.24
N SER A 471 20.50 -39.25 -27.94
CA SER A 471 20.54 -38.75 -26.58
C SER A 471 19.21 -38.07 -26.26
N ILE A 472 18.59 -38.50 -25.17
CA ILE A 472 17.34 -37.89 -24.70
C ILE A 472 17.60 -37.33 -23.31
N PRO A 473 17.55 -36.01 -23.11
CA PRO A 473 17.20 -35.02 -24.14
C PRO A 473 18.26 -34.81 -25.21
N GLY A 474 17.83 -34.35 -26.39
CA GLY A 474 18.74 -34.10 -27.49
C GLY A 474 19.39 -32.73 -27.43
N GLU A 475 18.67 -31.74 -26.91
CA GLU A 475 19.22 -30.41 -26.71
C GLU A 475 18.35 -29.66 -25.72
N TYR A 476 18.94 -28.64 -25.11
CA TYR A 476 18.22 -27.74 -24.21
C TYR A 476 18.75 -26.33 -24.38
N THR A 477 17.94 -25.37 -23.95
CA THR A 477 18.25 -23.95 -24.07
C THR A 477 17.75 -23.24 -22.83
N SER A 478 18.53 -22.27 -22.36
CA SER A 478 18.16 -21.45 -21.22
C SER A 478 17.70 -20.08 -21.69
N PHE A 479 16.71 -19.52 -21.00
CA PHE A 479 16.15 -18.22 -21.34
C PHE A 479 16.29 -17.26 -20.16
N LEU A 480 16.43 -15.98 -20.50
CA LEU A 480 16.55 -14.93 -19.49
C LEU A 480 15.53 -13.84 -19.79
N ALA A 481 15.10 -13.14 -18.74
CA ALA A 481 14.16 -12.05 -18.86
C ALA A 481 14.39 -11.10 -17.69
N PRO A 482 14.58 -9.81 -17.96
CA PRO A 482 14.71 -8.85 -16.85
C PRO A 482 13.40 -8.71 -16.08
N ILE A 483 13.51 -8.65 -14.76
CA ILE A 483 12.35 -8.52 -13.89
C ILE A 483 12.56 -7.38 -12.92
N SER A 484 11.45 -6.78 -12.50
CA SER A 484 11.42 -5.80 -11.42
C SER A 484 10.66 -6.39 -10.26
N SER A 485 11.25 -6.31 -9.06
CA SER A 485 10.59 -6.78 -7.86
C SER A 485 11.36 -6.31 -6.64
N SER A 486 10.97 -5.17 -6.08
CA SER A 486 11.60 -4.70 -4.86
C SER A 486 11.40 -5.68 -3.71
N LYS A 487 10.36 -6.53 -3.80
CA LYS A 487 10.15 -7.54 -2.76
C LYS A 487 11.25 -8.58 -2.79
N LEU A 488 11.48 -9.20 -3.95
CA LEU A 488 12.53 -10.21 -4.06
C LEU A 488 13.91 -9.60 -3.83
N TYR A 489 14.11 -8.36 -4.28
CA TYR A 489 15.38 -7.69 -4.00
C TYR A 489 15.65 -7.63 -2.50
N ASN A 490 14.61 -7.36 -1.71
CA ASN A 490 14.79 -7.29 -0.26
C ASN A 490 15.06 -8.66 0.34
N GLU A 491 14.47 -9.72 -0.21
CA GLU A 491 14.69 -11.05 0.31
C GLU A 491 16.12 -11.52 0.05
N VAL A 492 16.61 -11.32 -1.17
CA VAL A 492 18.01 -11.58 -1.44
C VAL A 492 18.89 -10.76 -0.51
N ARG A 493 18.61 -9.46 -0.42
CA ARG A 493 19.36 -8.58 0.46
C ARG A 493 19.41 -9.11 1.88
N ALA A 494 18.32 -9.70 2.36
CA ALA A 494 18.23 -10.22 3.71
C ALA A 494 19.06 -11.49 3.92
N CYS A 495 19.74 -11.99 2.89
CA CYS A 495 20.47 -13.25 2.98
C CYS A 495 21.94 -13.07 3.33
N ARG A 496 22.28 -11.98 4.03
CA ARG A 496 23.66 -11.81 4.47
C ARG A 496 23.99 -12.83 5.54
N GLU A 497 25.22 -13.36 5.49
CA GLU A 497 25.67 -14.35 6.45
C GLU A 497 26.94 -13.86 7.12
N LYS A 498 27.24 -14.48 8.27
CA LYS A 498 28.23 -13.92 9.20
C LYS A 498 29.62 -13.91 8.59
N ASP A 499 30.06 -15.04 8.04
CA ASP A 499 31.48 -15.19 7.70
C ASP A 499 31.72 -15.33 6.21
N ARG A 500 31.17 -14.41 5.41
CA ARG A 500 31.44 -14.38 3.98
C ARG A 500 31.33 -12.94 3.51
N ASP A 501 31.49 -12.75 2.20
CA ASP A 501 31.32 -11.43 1.61
C ASP A 501 29.95 -10.88 1.99
N PRO A 502 29.87 -9.65 2.50
CA PRO A 502 28.56 -9.08 2.85
C PRO A 502 27.63 -8.93 1.66
N GLU A 503 28.13 -9.03 0.44
CA GLU A 503 27.31 -8.93 -0.76
C GLU A 503 27.25 -10.23 -1.55
N ALA A 504 27.76 -11.33 -0.98
CA ALA A 504 27.77 -12.60 -1.71
C ALA A 504 26.38 -13.09 -2.04
N GLN A 505 25.35 -12.64 -1.32
CA GLN A 505 23.99 -13.08 -1.61
C GLN A 505 23.49 -12.57 -2.95
N PHE A 506 24.09 -11.51 -3.49
CA PHE A 506 23.69 -10.96 -4.78
C PHE A 506 24.43 -11.61 -5.95
N GLU A 507 25.45 -12.43 -5.67
CA GLU A 507 26.28 -13.03 -6.71
C GLU A 507 26.03 -14.53 -6.83
N MET A 508 24.80 -14.96 -6.61
CA MET A 508 24.44 -16.37 -6.72
C MET A 508 22.96 -16.47 -7.11
N PRO A 509 22.58 -17.49 -7.86
CA PRO A 509 21.19 -17.62 -8.28
C PRO A 509 20.34 -18.34 -7.24
N TYR A 510 19.03 -18.13 -7.34
CA TYR A 510 18.06 -18.78 -6.46
C TYR A 510 16.96 -19.39 -7.28
N VAL A 511 16.56 -20.61 -6.91
CA VAL A 511 15.35 -21.21 -7.45
C VAL A 511 14.17 -20.70 -6.63
N VAL A 512 13.21 -20.06 -7.31
CA VAL A 512 12.10 -19.42 -6.62
C VAL A 512 10.88 -19.43 -7.53
N ARG A 513 9.71 -19.65 -6.93
CA ARG A 513 8.44 -19.50 -7.62
C ARG A 513 8.11 -18.00 -7.68
N LEU A 514 8.69 -17.33 -8.67
CA LEU A 514 8.50 -15.90 -8.86
C LEU A 514 7.01 -15.57 -8.84
N HIS A 515 6.62 -14.67 -7.93
CA HIS A 515 5.22 -14.33 -7.76
C HIS A 515 5.00 -12.83 -7.85
N ASN A 516 5.44 -12.10 -6.82
CA ASN A 516 5.30 -10.65 -6.77
C ASN A 516 6.46 -10.03 -7.52
N PHE A 517 6.32 -9.92 -8.84
CA PHE A 517 7.36 -9.36 -9.69
C PHE A 517 6.71 -8.83 -10.97
N HIS A 518 7.54 -8.21 -11.81
CA HIS A 518 7.09 -7.64 -13.08
C HIS A 518 8.13 -7.98 -14.14
N GLN A 519 7.74 -8.72 -15.17
CA GLN A 519 8.65 -9.09 -16.24
C GLN A 519 8.74 -7.94 -17.24
N LEU A 520 9.94 -7.39 -17.41
CA LEU A 520 10.13 -6.15 -18.14
C LEU A 520 10.38 -6.35 -19.63
N SER A 521 10.53 -7.58 -20.10
CA SER A 521 10.72 -7.84 -21.51
C SER A 521 10.51 -9.32 -21.76
N ALA A 522 10.31 -9.67 -23.03
CA ALA A 522 10.07 -11.06 -23.38
C ALA A 522 11.36 -11.87 -23.21
N PRO A 523 11.28 -13.06 -22.62
CA PRO A 523 12.49 -13.88 -22.45
C PRO A 523 13.16 -14.13 -23.79
N GLN A 524 14.50 -14.25 -23.75
CA GLN A 524 15.30 -14.53 -24.92
C GLN A 524 16.27 -15.66 -24.63
N PRO A 525 16.62 -16.45 -25.65
CA PRO A 525 17.53 -17.58 -25.42
C PRO A 525 18.90 -17.09 -24.98
N CYS A 526 19.53 -17.88 -24.10
CA CYS A 526 20.84 -17.54 -23.56
C CYS A 526 21.88 -18.58 -23.94
N PHE A 527 21.82 -19.77 -23.35
CA PHE A 527 22.79 -20.83 -23.62
C PHE A 527 22.07 -22.04 -24.19
N THR A 528 22.71 -22.69 -25.17
CA THR A 528 22.17 -23.87 -25.83
C THR A 528 23.23 -24.96 -25.89
N PHE A 529 22.80 -26.20 -25.70
CA PHE A 529 23.69 -27.35 -25.75
C PHE A 529 23.00 -28.46 -26.52
N SER A 530 23.79 -29.22 -27.29
CA SER A 530 23.29 -30.31 -28.11
C SER A 530 24.02 -31.60 -27.74
N HIS A 531 23.29 -32.72 -27.76
CA HIS A 531 23.87 -34.03 -27.45
C HIS A 531 23.29 -35.05 -28.42
N PRO A 532 24.13 -35.92 -29.01
CA PRO A 532 25.58 -35.92 -28.77
C PRO A 532 26.27 -34.72 -29.40
N ASN A 533 27.45 -34.37 -28.88
CA ASN A 533 28.23 -33.23 -29.37
C ASN A 533 29.31 -33.79 -30.29
N ARG A 534 28.96 -33.98 -31.56
CA ARG A 534 29.89 -34.53 -32.54
C ARG A 534 31.10 -33.64 -32.76
N ASP A 535 31.02 -32.36 -32.38
CA ASP A 535 32.09 -31.43 -32.67
C ASP A 535 33.42 -31.95 -32.12
N PRO A 536 34.54 -31.73 -32.83
CA PRO A 536 35.83 -32.24 -32.36
C PRO A 536 36.42 -31.40 -31.23
N MET A 537 36.08 -30.12 -31.20
CA MET A 537 36.61 -29.18 -30.21
C MET A 537 35.47 -28.74 -29.28
N ILE A 538 35.18 -29.58 -28.29
CA ILE A 538 34.11 -29.31 -27.36
C ILE A 538 34.55 -28.23 -26.37
N ASP A 539 33.78 -27.15 -26.30
CA ASP A 539 34.01 -26.09 -25.31
C ASP A 539 32.65 -25.68 -24.76
N ASN A 540 32.41 -25.96 -23.48
CA ASN A 540 31.14 -25.66 -22.84
C ASN A 540 31.10 -24.25 -22.25
N ASN A 541 32.18 -23.49 -22.32
CA ASN A 541 32.14 -22.10 -21.90
C ASN A 541 31.27 -21.29 -22.87
N ARG A 542 30.70 -20.20 -22.35
CA ARG A 542 29.76 -19.42 -23.13
C ARG A 542 29.90 -17.95 -22.79
N TYR A 543 29.57 -17.11 -23.77
CA TYR A 543 29.49 -15.67 -23.59
C TYR A 543 28.39 -15.14 -24.49
N CYS A 544 27.36 -14.55 -23.89
CA CYS A 544 26.16 -14.15 -24.60
C CYS A 544 25.78 -12.72 -24.20
N THR A 545 25.38 -11.93 -25.20
CA THR A 545 24.90 -10.57 -24.97
C THR A 545 23.43 -10.51 -25.35
N LEU A 546 22.63 -9.87 -24.52
CA LEU A 546 21.19 -9.77 -24.75
C LEU A 546 20.75 -8.32 -24.56
N GLU A 547 19.82 -7.89 -25.41
CA GLU A 547 19.25 -6.55 -25.36
C GLU A 547 17.74 -6.67 -25.21
N PHE A 548 17.21 -6.15 -24.12
CA PHE A 548 15.80 -6.31 -23.79
C PHE A 548 15.07 -4.99 -23.96
N PRO A 549 14.24 -4.83 -25.00
CA PRO A 549 13.44 -3.61 -25.13
C PRO A 549 12.45 -3.48 -23.99
N VAL A 550 12.58 -2.41 -23.22
CA VAL A 550 11.68 -2.12 -22.10
C VAL A 550 10.82 -0.93 -22.49
N GLU A 551 9.50 -1.12 -22.44
CA GLU A 551 8.54 -0.11 -22.87
C GLU A 551 7.84 0.56 -21.69
N VAL A 552 8.42 0.49 -20.49
CA VAL A 552 7.83 1.07 -19.30
C VAL A 552 8.93 1.66 -18.43
N ASN A 553 8.52 2.49 -17.47
CA ASN A 553 9.41 2.99 -16.42
C ASN A 553 9.37 2.01 -15.26
N THR A 554 10.55 1.59 -14.79
CA THR A 554 10.61 0.56 -13.78
C THR A 554 11.99 0.60 -13.12
N VAL A 555 12.26 -0.39 -12.27
CA VAL A 555 13.55 -0.54 -11.62
C VAL A 555 13.97 -2.00 -11.75
N LEU A 556 15.17 -2.22 -12.29
CA LEU A 556 15.66 -3.57 -12.53
C LEU A 556 16.33 -4.13 -11.28
N HIS A 557 15.89 -5.32 -10.86
CA HIS A 557 16.47 -5.98 -9.70
C HIS A 557 17.14 -7.31 -10.01
N GLY A 558 16.87 -7.90 -11.17
CA GLY A 558 17.48 -9.17 -11.51
C GLY A 558 16.88 -9.72 -12.79
N PHE A 559 17.33 -10.92 -13.13
CA PHE A 559 16.89 -11.60 -14.34
C PHE A 559 16.33 -12.97 -13.98
N ALA A 560 15.14 -13.25 -14.49
CA ALA A 560 14.53 -14.57 -14.32
C ALA A 560 15.03 -15.53 -15.38
N GLY A 561 15.27 -16.76 -14.98
CA GLY A 561 15.77 -17.79 -15.87
C GLY A 561 14.77 -18.91 -16.06
N TYR A 562 14.67 -19.41 -17.28
CA TYR A 562 13.88 -20.58 -17.60
C TYR A 562 14.70 -21.47 -18.53
N PHE A 563 14.10 -22.56 -19.00
CA PHE A 563 14.80 -23.45 -19.91
C PHE A 563 13.78 -24.18 -20.77
N GLU A 564 14.22 -24.55 -21.98
CA GLU A 564 13.48 -25.45 -22.85
C GLU A 564 14.41 -26.60 -23.25
N THR A 565 13.83 -27.78 -23.43
CA THR A 565 14.63 -28.94 -23.81
C THR A 565 13.83 -29.81 -24.78
N VAL A 566 14.54 -30.38 -25.75
CA VAL A 566 13.96 -31.29 -26.72
C VAL A 566 14.32 -32.71 -26.31
N LEU A 567 13.33 -33.45 -25.82
CA LEU A 567 13.56 -34.86 -25.50
C LEU A 567 13.78 -35.67 -26.77
N TYR A 568 12.89 -35.51 -27.76
CA TYR A 568 13.03 -36.18 -29.04
C TYR A 568 12.09 -35.57 -30.07
N GLN A 569 12.64 -35.00 -31.14
CA GLN A 569 11.84 -34.43 -32.22
C GLN A 569 10.91 -33.35 -31.69
N ASP A 570 9.60 -33.63 -31.64
CA ASP A 570 8.62 -32.64 -31.21
C ASP A 570 8.24 -32.77 -29.73
N ILE A 571 8.64 -33.85 -29.07
CA ILE A 571 8.37 -33.99 -27.64
C ILE A 571 9.36 -33.14 -26.87
N THR A 572 8.84 -32.27 -25.99
CA THR A 572 9.65 -31.26 -25.34
C THR A 572 9.24 -31.08 -23.89
N LEU A 573 10.14 -30.45 -23.13
CA LEU A 573 9.87 -29.98 -21.78
C LEU A 573 10.22 -28.50 -21.73
N SER A 574 9.44 -27.72 -21.00
CA SER A 574 9.65 -26.27 -20.97
C SER A 574 9.01 -25.67 -19.72
N ILE A 575 9.75 -24.79 -19.04
CA ILE A 575 9.19 -23.90 -18.03
C ILE A 575 9.18 -22.46 -18.49
N ARG A 576 9.68 -22.18 -19.69
CA ARG A 576 9.53 -20.86 -20.29
C ARG A 576 8.05 -20.51 -20.34
N PRO A 577 7.62 -19.39 -19.75
CA PRO A 577 6.18 -19.14 -19.63
C PRO A 577 5.40 -19.26 -20.92
N GLU A 578 5.91 -18.72 -22.03
CA GLU A 578 5.13 -18.74 -23.28
C GLU A 578 5.09 -20.13 -23.92
N THR A 579 5.95 -21.06 -23.51
CA THR A 579 5.91 -22.43 -24.01
C THR A 579 5.88 -23.45 -22.87
N HIS A 580 5.39 -23.04 -21.70
CA HIS A 580 5.39 -23.89 -20.53
C HIS A 580 4.64 -25.19 -20.80
N SER A 581 5.29 -26.31 -20.52
CA SER A 581 4.63 -27.62 -20.64
C SER A 581 3.38 -27.61 -19.78
N PRO A 582 2.20 -27.69 -20.38
CA PRO A 582 0.96 -27.60 -19.59
C PRO A 582 0.82 -28.79 -18.65
N GLY A 583 0.63 -28.49 -17.37
CA GLY A 583 0.39 -29.51 -16.37
C GLY A 583 1.63 -30.02 -15.65
N MET A 584 2.81 -29.53 -15.99
CA MET A 584 4.06 -30.01 -15.39
C MET A 584 4.39 -29.18 -14.15
N PHE A 585 4.67 -29.86 -13.05
CA PHE A 585 4.99 -29.20 -11.80
C PHE A 585 6.48 -28.91 -11.63
N SER A 586 7.34 -29.77 -12.19
CA SER A 586 8.75 -29.71 -11.88
C SER A 586 9.39 -28.42 -12.38
N TRP A 587 10.40 -27.97 -11.64
CA TRP A 587 11.23 -26.84 -12.02
C TRP A 587 10.53 -25.49 -11.86
N PHE A 588 10.89 -24.78 -10.80
CA PHE A 588 10.56 -23.37 -10.70
C PHE A 588 11.57 -22.56 -11.50
N PRO A 589 11.28 -21.28 -11.73
CA PRO A 589 12.28 -20.42 -12.38
C PRO A 589 13.45 -20.14 -11.45
N ILE A 590 14.55 -19.74 -12.06
CA ILE A 590 15.74 -19.35 -11.33
C ILE A 590 15.84 -17.83 -11.39
N LEU A 591 16.53 -17.25 -10.41
CA LEU A 591 16.65 -15.80 -10.28
C LEU A 591 18.11 -15.42 -10.15
N PHE A 592 18.58 -14.55 -11.04
CA PHE A 592 19.91 -13.97 -10.93
C PHE A 592 19.77 -12.53 -10.44
N PRO A 593 20.07 -12.24 -9.18
CA PRO A 593 19.94 -10.87 -8.70
C PRO A 593 21.12 -10.01 -9.13
N ILE A 594 20.98 -8.71 -8.90
CA ILE A 594 22.07 -7.75 -9.09
C ILE A 594 22.19 -6.93 -7.81
N LYS A 595 23.43 -6.57 -7.47
CA LYS A 595 23.69 -5.89 -6.20
C LYS A 595 22.85 -4.62 -6.07
N GLN A 596 22.86 -3.77 -7.08
CA GLN A 596 22.24 -2.46 -7.00
C GLN A 596 21.09 -2.35 -8.00
N PRO A 597 19.90 -1.91 -7.56
CA PRO A 597 18.81 -1.68 -8.51
C PRO A 597 19.23 -0.68 -9.57
N ILE A 598 18.62 -0.80 -10.75
CA ILE A 598 18.93 0.06 -11.89
C ILE A 598 17.64 0.67 -12.40
N THR A 599 17.59 2.00 -12.44
CA THR A 599 16.43 2.70 -12.99
C THR A 599 16.40 2.57 -14.51
N VAL A 600 15.23 2.26 -15.05
CA VAL A 600 15.05 2.13 -16.50
C VAL A 600 13.83 2.93 -16.92
N ARG A 601 13.99 3.78 -17.92
CA ARG A 601 12.91 4.59 -18.46
C ARG A 601 12.21 3.85 -19.59
N GLU A 602 11.00 4.32 -19.91
CA GLU A 602 10.26 3.77 -21.04
C GLU A 602 11.06 3.95 -22.33
N GLY A 603 11.03 2.92 -23.18
CA GLY A 603 11.76 2.93 -24.43
C GLY A 603 13.22 2.59 -24.33
N GLN A 604 13.80 2.57 -23.13
CA GLN A 604 15.20 2.20 -22.98
C GLN A 604 15.38 0.70 -23.18
N THR A 605 16.63 0.32 -23.44
CA THR A 605 17.00 -1.07 -23.63
C THR A 605 17.88 -1.52 -22.47
N ILE A 606 17.58 -2.69 -21.92
CA ILE A 606 18.42 -3.32 -20.90
C ILE A 606 19.35 -4.29 -21.60
N CYS A 607 20.65 -4.02 -21.54
CA CYS A 607 21.65 -4.91 -22.10
C CYS A 607 22.32 -5.67 -20.97
N VAL A 608 22.24 -7.00 -21.02
CA VAL A 608 22.84 -7.86 -20.00
C VAL A 608 23.82 -8.81 -20.67
N ARG A 609 24.87 -9.16 -19.93
CA ARG A 609 25.91 -10.05 -20.40
C ARG A 609 26.00 -11.25 -19.45
N PHE A 610 26.08 -12.44 -20.01
CA PHE A 610 26.21 -13.65 -19.23
C PHE A 610 27.38 -14.48 -19.74
N TRP A 611 28.15 -15.04 -18.80
CA TRP A 611 29.25 -15.94 -19.11
C TRP A 611 29.01 -17.26 -18.38
N ARG A 612 29.36 -18.36 -19.05
CA ARG A 612 29.45 -19.67 -18.41
C ARG A 612 30.92 -20.01 -18.33
N CYS A 613 31.49 -19.92 -17.13
CA CYS A 613 32.91 -20.11 -16.92
C CYS A 613 33.16 -21.47 -16.28
N SER A 614 34.41 -21.95 -16.42
CA SER A 614 34.73 -23.27 -15.92
C SER A 614 36.24 -23.41 -15.77
N ASN A 615 36.64 -24.26 -14.84
CA ASN A 615 37.99 -24.80 -14.80
C ASN A 615 37.84 -26.31 -14.67
N SER A 616 38.90 -26.99 -14.23
CA SER A 616 38.82 -28.45 -14.09
C SER A 616 37.97 -28.85 -12.88
N LYS A 617 37.75 -27.94 -11.94
CA LYS A 617 37.04 -28.26 -10.70
C LYS A 617 35.58 -27.78 -10.72
N LYS A 618 35.33 -26.55 -11.14
CA LYS A 618 34.05 -25.90 -10.93
C LYS A 618 33.57 -25.22 -12.21
N VAL A 619 32.26 -25.13 -12.35
CA VAL A 619 31.61 -24.34 -13.38
C VAL A 619 30.75 -23.28 -12.69
N TRP A 620 30.65 -22.11 -13.30
CA TRP A 620 29.89 -21.02 -12.69
C TRP A 620 29.45 -20.04 -13.74
N TYR A 621 28.62 -19.08 -13.31
CA TYR A 621 28.10 -18.03 -14.16
C TYR A 621 28.63 -16.68 -13.70
N GLU A 622 28.90 -15.80 -14.65
CA GLU A 622 29.19 -14.40 -14.39
C GLU A 622 28.28 -13.55 -15.26
N TRP A 623 27.73 -12.49 -14.69
CA TRP A 623 26.79 -11.65 -15.44
C TRP A 623 27.02 -10.19 -15.09
N ALA A 624 26.65 -9.33 -16.03
CA ALA A 624 26.79 -7.89 -15.84
C ALA A 624 25.79 -7.18 -16.73
N VAL A 625 25.40 -5.97 -16.30
CA VAL A 625 24.49 -5.11 -17.04
C VAL A 625 25.30 -3.97 -17.64
N THR A 626 25.15 -3.76 -18.95
CA THR A 626 25.88 -2.71 -19.65
C THR A 626 25.00 -1.57 -20.15
N ALA A 627 23.68 -1.70 -20.08
CA ALA A 627 22.78 -0.67 -20.53
C ALA A 627 21.46 -0.80 -19.79
N PRO A 628 20.82 0.33 -19.40
CA PRO A 628 21.27 1.69 -19.71
C PRO A 628 22.52 2.13 -18.94
N VAL A 629 22.83 1.45 -17.84
CA VAL A 629 24.03 1.74 -17.05
C VAL A 629 24.78 0.43 -16.83
N CYS A 630 26.03 0.57 -16.40
CA CYS A 630 26.88 -0.59 -16.11
C CYS A 630 26.75 -1.00 -14.66
N SER A 631 26.45 -2.26 -14.42
CA SER A 631 26.61 -2.83 -13.10
C SER A 631 28.02 -3.40 -12.95
N ALA A 632 28.35 -3.79 -11.73
CA ALA A 632 29.59 -4.52 -11.54
C ALA A 632 29.43 -5.94 -12.04
N ILE A 633 30.54 -6.52 -12.50
CA ILE A 633 30.53 -7.93 -12.87
C ILE A 633 30.22 -8.76 -11.64
N HIS A 634 29.20 -9.62 -11.75
CA HIS A 634 28.74 -10.42 -10.62
C HIS A 634 29.40 -11.80 -10.64
N ASN A 635 29.74 -12.29 -9.45
CA ASN A 635 30.37 -13.59 -9.27
C ASN A 635 31.63 -13.76 -10.14
N PRO A 636 32.55 -12.78 -10.11
CA PRO A 636 33.80 -12.95 -10.86
C PRO A 636 34.65 -14.07 -10.28
N THR A 637 35.12 -14.96 -11.14
CA THR A 637 35.95 -16.10 -10.75
C THR A 637 35.20 -17.04 -9.81
N GLY A 638 33.86 -17.04 -9.89
CA GLY A 638 33.05 -17.88 -9.01
C GLY A 638 33.33 -17.63 -7.55
N ARG A 639 33.72 -16.41 -7.20
CA ARG A 639 34.10 -16.10 -5.83
C ARG A 639 32.94 -16.36 -4.86
N SER A 640 31.72 -16.10 -5.28
CA SER A 640 30.56 -16.26 -4.40
C SER A 640 29.73 -17.49 -4.71
N TYR A 641 29.91 -18.11 -5.88
CA TYR A 641 29.06 -19.22 -6.27
C TYR A 641 29.75 -20.03 -7.35
N THR A 642 29.89 -21.34 -7.12
CA THR A 642 30.39 -22.25 -8.12
C THR A 642 29.59 -23.53 -8.08
N ILE A 643 29.62 -24.27 -9.19
CA ILE A 643 28.94 -25.55 -9.32
C ILE A 643 30.00 -26.63 -9.40
N GLY A 644 29.91 -27.61 -8.51
CA GLY A 644 30.97 -28.61 -8.38
C GLY A 644 30.93 -29.60 -9.52
N LEU A 645 32.10 -29.85 -10.11
CA LEU A 645 32.25 -30.88 -11.12
C LEU A 645 32.51 -32.23 -10.46
N LEU B 27 -28.99 22.25 36.00
CA LEU B 27 -29.11 20.82 35.76
C LEU B 27 -30.39 20.49 34.99
N PRO B 28 -30.54 21.06 33.80
CA PRO B 28 -31.77 20.84 33.02
C PRO B 28 -31.92 19.38 32.63
N PRO B 29 -33.07 18.99 32.08
CA PRO B 29 -33.29 17.58 31.74
C PRO B 29 -32.47 17.16 30.53
N ASN B 30 -32.12 15.87 30.52
CA ASN B 30 -31.35 15.26 29.42
C ASN B 30 -30.12 16.08 29.08
N ALA B 31 -29.53 16.72 30.09
CA ALA B 31 -28.30 17.48 29.94
C ALA B 31 -27.18 16.80 30.69
N PRO B 32 -26.05 16.49 30.05
CA PRO B 32 -24.98 15.78 30.74
C PRO B 32 -24.52 16.53 31.98
N ALA B 33 -24.17 15.77 33.01
CA ALA B 33 -23.74 16.37 34.28
C ALA B 33 -22.39 17.06 34.13
N CYS B 34 -21.49 16.50 33.33
CA CYS B 34 -20.16 17.04 33.13
C CYS B 34 -19.98 17.45 31.67
N MET B 35 -19.36 18.61 31.46
CA MET B 35 -19.09 19.13 30.13
C MET B 35 -17.66 18.80 29.73
N GLU B 36 -17.47 18.45 28.46
CA GLU B 36 -16.15 18.05 27.99
C GLU B 36 -15.14 19.18 28.21
N ARG B 37 -13.86 18.78 28.26
CA ARG B 37 -12.78 19.70 28.60
C ARG B 37 -12.47 20.67 27.46
N GLN B 38 -12.38 20.17 26.23
CA GLN B 38 -11.91 20.98 25.10
C GLN B 38 -13.09 21.75 24.50
N LEU B 39 -13.07 23.07 24.68
CA LEU B 39 -14.12 23.95 24.16
C LEU B 39 -13.73 24.44 22.77
N GLU B 40 -14.60 24.23 21.80
CA GLU B 40 -14.30 24.53 20.40
C GLU B 40 -15.14 25.66 19.81
N ALA B 41 -16.37 25.87 20.29
CA ALA B 41 -17.27 26.83 19.68
C ALA B 41 -17.97 27.68 20.73
N ALA B 42 -18.14 28.96 20.43
CA ALA B 42 -18.86 29.88 21.31
C ALA B 42 -19.48 30.97 20.44
N ARG B 43 -20.80 30.96 20.32
CA ARG B 43 -21.52 31.85 19.41
C ARG B 43 -22.72 32.44 20.12
N TYR B 44 -22.79 33.77 20.17
CA TYR B 44 -23.98 34.47 20.65
C TYR B 44 -25.06 34.48 19.58
N ARG B 45 -26.30 34.69 20.02
CA ARG B 45 -27.43 34.90 19.12
C ARG B 45 -28.00 36.29 19.37
N SER B 46 -29.18 36.55 18.79
CA SER B 46 -29.77 37.89 18.85
C SER B 46 -29.94 38.35 20.28
N ASP B 47 -30.73 37.62 21.07
CA ASP B 47 -31.07 38.06 22.42
C ASP B 47 -29.87 38.08 23.35
N GLY B 48 -28.85 37.27 23.09
CA GLY B 48 -27.65 37.24 23.91
C GLY B 48 -27.34 35.91 24.55
N ALA B 49 -28.13 34.86 24.32
CA ALA B 49 -27.79 33.54 24.86
C ALA B 49 -26.54 33.00 24.17
N LEU B 50 -25.69 32.32 24.94
CA LEU B 50 -24.42 31.84 24.45
C LEU B 50 -24.50 30.35 24.12
N LEU B 51 -24.08 30.00 22.91
CA LEU B 51 -24.04 28.61 22.46
C LEU B 51 -22.62 28.08 22.61
N LEU B 52 -22.49 26.92 23.26
CA LEU B 52 -21.19 26.31 23.52
C LEU B 52 -21.13 24.94 22.85
N GLY B 53 -20.03 24.69 22.14
CA GLY B 53 -19.73 23.37 21.60
C GLY B 53 -18.43 22.86 22.20
N ALA B 54 -18.50 21.66 22.76
CA ALA B 54 -17.38 21.06 23.46
C ALA B 54 -17.11 19.67 22.92
N SER B 55 -15.83 19.30 22.93
CA SER B 55 -15.38 17.99 22.49
C SER B 55 -14.53 17.35 23.58
N SER B 56 -14.58 16.02 23.65
CA SER B 56 -13.69 15.24 24.50
C SER B 56 -12.57 14.70 23.62
N LEU B 57 -11.44 15.39 23.62
CA LEU B 57 -10.32 15.05 22.74
C LEU B 57 -9.33 14.10 23.38
N SER B 58 -9.61 13.60 24.59
CA SER B 58 -8.75 12.64 25.26
C SER B 58 -9.61 11.84 26.24
N GLY B 59 -8.98 10.88 26.91
CA GLY B 59 -9.69 10.06 27.87
C GLY B 59 -10.39 8.87 27.23
N ARG B 60 -11.19 8.21 28.06
CA ARG B 60 -11.82 6.96 27.64
C ARG B 60 -12.79 7.17 26.49
N CYS B 61 -13.66 8.18 26.60
N CYS B 61 -13.66 8.18 26.60
CA CYS B 61 -14.70 8.43 25.61
CA CYS B 61 -14.70 8.43 25.61
C CYS B 61 -14.39 9.72 24.85
C CYS B 61 -14.39 9.72 24.85
N TRP B 62 -14.46 9.66 23.53
CA TRP B 62 -14.22 10.79 22.65
C TRP B 62 -15.56 11.21 22.04
N ALA B 63 -16.25 12.15 22.70
CA ALA B 63 -17.56 12.59 22.25
C ALA B 63 -17.60 14.12 22.27
N GLY B 64 -18.81 14.67 22.27
CA GLY B 64 -19.01 16.09 22.28
C GLY B 64 -20.34 16.44 22.92
N SER B 65 -20.66 17.72 22.92
CA SER B 65 -21.88 18.18 23.56
C SER B 65 -22.23 19.58 23.07
N LEU B 66 -23.47 19.97 23.31
CA LEU B 66 -23.98 21.29 22.95
C LEU B 66 -24.64 21.92 24.16
N TRP B 67 -24.43 23.22 24.34
CA TRP B 67 -24.91 23.92 25.54
C TRP B 67 -25.43 25.29 25.16
N LEU B 68 -26.39 25.76 25.96
CA LEU B 68 -26.97 27.10 25.79
C LEU B 68 -26.98 27.78 27.14
N PHE B 69 -26.34 28.95 27.23
CA PHE B 69 -26.24 29.73 28.46
C PHE B 69 -26.94 31.07 28.25
N LYS B 70 -28.22 31.14 28.60
CA LYS B 70 -28.90 32.42 28.60
C LYS B 70 -28.25 33.40 29.57
N ASP B 71 -27.51 32.89 30.56
CA ASP B 71 -26.63 33.69 31.40
C ASP B 71 -25.19 33.41 30.97
N PRO B 72 -24.58 34.27 30.16
CA PRO B 72 -23.22 33.98 29.67
C PRO B 72 -22.18 33.90 30.76
N CYS B 73 -22.39 34.58 31.90
CA CYS B 73 -21.42 34.56 32.97
C CYS B 73 -21.44 33.25 33.76
N ALA B 74 -22.51 32.46 33.65
CA ALA B 74 -22.59 31.19 34.36
C ALA B 74 -21.79 30.10 33.69
N ALA B 75 -21.44 30.26 32.41
CA ALA B 75 -20.66 29.25 31.72
C ALA B 75 -19.21 29.27 32.18
N PRO B 76 -18.50 28.13 32.08
CA PRO B 76 -19.01 26.87 31.53
C PRO B 76 -19.62 25.94 32.59
N ASN B 77 -20.02 26.49 33.73
CA ASN B 77 -20.63 25.69 34.78
C ASN B 77 -21.89 25.00 34.26
N GLU B 78 -21.93 23.67 34.37
CA GLU B 78 -23.04 22.92 33.80
C GLU B 78 -24.31 23.04 34.63
N GLY B 79 -24.18 23.22 35.95
CA GLY B 79 -25.35 23.29 36.81
C GLY B 79 -26.18 24.54 36.66
N PHE B 80 -25.69 25.53 35.90
CA PHE B 80 -26.39 26.80 35.70
C PHE B 80 -26.46 27.14 34.21
N CYS B 81 -26.86 26.16 33.41
CA CYS B 81 -27.03 26.36 31.98
C CYS B 81 -28.52 26.30 31.63
N SER B 82 -28.85 26.86 30.46
CA SER B 82 -30.23 26.84 30.01
C SER B 82 -30.61 25.49 29.42
N ALA B 83 -29.71 24.87 28.67
CA ALA B 83 -29.98 23.58 28.07
C ALA B 83 -28.65 22.88 27.77
N GLY B 84 -28.76 21.62 27.37
CA GLY B 84 -27.58 20.83 27.06
C GLY B 84 -27.98 19.48 26.51
N VAL B 85 -27.03 18.85 25.82
CA VAL B 85 -27.26 17.54 25.22
C VAL B 85 -25.91 16.95 24.84
N GLN B 86 -25.86 15.62 24.75
CA GLN B 86 -24.65 14.91 24.37
C GLN B 86 -24.74 14.50 22.90
N THR B 87 -23.61 14.60 22.20
CA THR B 87 -23.50 14.13 20.82
C THR B 87 -22.64 12.87 20.78
N GLU B 88 -22.88 12.06 19.73
CA GLU B 88 -22.19 10.78 19.64
C GLU B 88 -20.69 10.95 19.46
N ALA B 89 -20.27 11.94 18.68
CA ALA B 89 -18.85 12.22 18.44
C ALA B 89 -18.55 13.67 18.81
N GLY B 90 -17.31 14.07 18.54
CA GLY B 90 -16.88 15.42 18.89
C GLY B 90 -17.54 16.48 18.05
N VAL B 91 -17.30 17.72 18.44
CA VAL B 91 -17.84 18.90 17.77
C VAL B 91 -16.66 19.65 17.17
N ALA B 92 -16.41 19.42 15.88
CA ALA B 92 -15.29 20.09 15.22
C ALA B 92 -15.60 21.54 14.94
N ASP B 93 -16.87 21.87 14.70
CA ASP B 93 -17.31 23.22 14.41
C ASP B 93 -18.82 23.25 14.44
N LEU B 94 -19.39 24.43 14.71
CA LEU B 94 -20.83 24.60 14.74
C LEU B 94 -21.16 26.02 14.34
N THR B 95 -22.46 26.32 14.30
CA THR B 95 -22.95 27.65 13.96
C THR B 95 -24.46 27.67 14.17
N TRP B 96 -24.98 28.85 14.50
CA TRP B 96 -26.42 29.01 14.63
C TRP B 96 -27.11 28.85 13.27
N VAL B 97 -28.36 28.40 13.33
CA VAL B 97 -29.24 28.37 12.15
C VAL B 97 -30.51 29.08 12.57
N GLY B 98 -30.52 30.40 12.43
CA GLY B 98 -31.64 31.20 12.92
C GLY B 98 -31.47 31.52 14.39
N GLU B 99 -32.51 31.27 15.18
CA GLU B 99 -32.49 31.53 16.60
C GLU B 99 -32.67 30.28 17.46
N ARG B 100 -33.11 29.17 16.87
CA ARG B 100 -33.26 27.92 17.61
C ARG B 100 -32.55 26.73 16.98
N GLY B 101 -31.87 26.91 15.85
CA GLY B 101 -31.20 25.82 15.16
C GLY B 101 -29.70 25.85 15.36
N ILE B 102 -29.12 24.66 15.48
CA ILE B 102 -27.68 24.49 15.68
C ILE B 102 -27.18 23.49 14.65
N LEU B 103 -26.21 23.90 13.84
CA LEU B 103 -25.62 23.05 12.80
C LEU B 103 -24.22 22.64 13.24
N VAL B 104 -23.97 21.33 13.30
CA VAL B 104 -22.78 20.79 13.94
C VAL B 104 -21.96 20.02 12.92
N ALA B 105 -20.64 20.23 12.94
CA ALA B 105 -19.69 19.45 12.14
C ALA B 105 -19.09 18.38 13.03
N SER B 106 -19.44 17.13 12.78
CA SER B 106 -19.10 16.02 13.67
C SER B 106 -17.81 15.34 13.23
N ASP B 107 -17.13 14.74 14.22
CA ASP B 107 -15.97 13.91 13.91
C ASP B 107 -16.37 12.68 13.11
N SER B 108 -17.59 12.18 13.31
CA SER B 108 -18.08 10.98 12.63
C SER B 108 -18.26 11.18 11.13
N GLY B 109 -17.91 12.34 10.59
CA GLY B 109 -18.13 12.63 9.19
C GLY B 109 -19.52 13.07 8.84
N ALA B 110 -20.37 13.31 9.84
CA ALA B 110 -21.75 13.71 9.62
C ALA B 110 -21.93 15.19 9.91
N VAL B 111 -22.90 15.79 9.24
CA VAL B 111 -23.38 17.13 9.54
C VAL B 111 -24.70 16.98 10.29
N GLU B 112 -24.78 17.56 11.47
CA GLU B 112 -25.96 17.43 12.32
C GLU B 112 -26.64 18.79 12.50
N LEU B 113 -27.97 18.77 12.55
CA LEU B 113 -28.77 19.95 12.82
C LEU B 113 -29.63 19.67 14.04
N TRP B 114 -29.40 20.42 15.11
CA TRP B 114 -30.19 20.34 16.33
C TRP B 114 -31.04 21.59 16.46
N GLU B 115 -32.16 21.47 17.18
CA GLU B 115 -33.07 22.60 17.34
C GLU B 115 -33.62 22.62 18.76
N LEU B 116 -33.61 23.80 19.36
CA LEU B 116 -34.24 23.99 20.66
C LEU B 116 -35.74 23.79 20.54
N ASP B 117 -36.35 23.31 21.63
CA ASP B 117 -37.80 23.22 21.67
C ASP B 117 -38.41 24.61 21.87
N GLU B 118 -39.73 24.66 21.80
CA GLU B 118 -40.43 25.94 22.03
C GLU B 118 -40.05 26.53 23.38
N ASN B 119 -39.86 25.67 24.39
CA ASN B 119 -39.50 26.13 25.72
C ASN B 119 -38.02 26.46 25.83
N GLU B 120 -37.20 26.01 24.89
CA GLU B 120 -35.76 26.26 24.92
C GLU B 120 -35.12 25.65 26.16
N THR B 121 -35.62 24.47 26.56
CA THR B 121 -35.04 23.71 27.65
C THR B 121 -34.45 22.38 27.22
N LEU B 122 -34.71 21.95 25.98
CA LEU B 122 -34.15 20.73 25.43
C LEU B 122 -33.52 21.02 24.08
N ILE B 123 -32.39 20.37 23.82
CA ILE B 123 -31.72 20.45 22.52
C ILE B 123 -31.93 19.12 21.82
N VAL B 124 -32.76 19.11 20.79
CA VAL B 124 -33.18 17.90 20.12
C VAL B 124 -32.48 17.80 18.77
N SER B 125 -32.17 16.57 18.36
CA SER B 125 -31.52 16.33 17.08
C SER B 125 -32.57 16.39 15.97
N LYS B 126 -32.34 17.26 14.99
CA LYS B 126 -33.26 17.41 13.87
C LYS B 126 -32.93 16.44 12.73
N PHE B 127 -31.66 16.36 12.36
CA PHE B 127 -31.22 15.34 11.41
C PHE B 127 -29.72 15.16 11.55
N CYS B 128 -29.26 13.96 11.18
CA CYS B 128 -27.85 13.59 11.28
C CYS B 128 -27.54 12.72 10.06
N LYS B 129 -26.94 13.32 9.04
CA LYS B 129 -26.63 12.65 7.78
C LYS B 129 -25.13 12.44 7.67
N TYR B 130 -24.73 11.21 7.35
CA TYR B 130 -23.32 10.83 7.21
C TYR B 130 -22.96 10.89 5.74
N GLU B 131 -22.59 12.08 5.27
CA GLU B 131 -22.24 12.29 3.87
C GLU B 131 -20.75 12.42 3.63
N HIS B 132 -20.01 13.01 4.56
CA HIS B 132 -18.56 13.10 4.42
C HIS B 132 -17.90 11.78 4.82
N ASP B 133 -16.77 11.49 4.16
CA ASP B 133 -16.03 10.27 4.40
C ASP B 133 -14.93 10.44 5.45
N ASP B 134 -14.81 11.61 6.05
CA ASP B 134 -13.83 11.86 7.10
C ASP B 134 -14.39 12.95 8.01
N ILE B 135 -13.53 13.47 8.89
CA ILE B 135 -13.97 14.46 9.86
C ILE B 135 -14.47 15.70 9.15
N VAL B 136 -15.67 16.14 9.51
CA VAL B 136 -16.22 17.42 9.05
C VAL B 136 -15.64 18.51 9.94
N SER B 137 -14.80 19.37 9.37
CA SER B 137 -14.04 20.34 10.15
C SER B 137 -14.65 21.73 10.17
N THR B 138 -15.37 22.13 9.12
CA THR B 138 -15.90 23.49 9.03
C THR B 138 -17.32 23.46 8.48
N VAL B 139 -18.12 24.44 8.89
CA VAL B 139 -19.51 24.56 8.44
C VAL B 139 -19.91 26.02 8.52
N SER B 140 -20.73 26.45 7.56
CA SER B 140 -21.14 27.84 7.47
C SER B 140 -22.52 27.94 6.83
N VAL B 141 -23.36 28.81 7.40
CA VAL B 141 -24.72 29.00 6.90
C VAL B 141 -24.72 30.14 5.91
N LEU B 142 -25.38 29.94 4.76
CA LEU B 142 -25.39 30.91 3.68
C LEU B 142 -26.33 32.07 4.01
N SER B 143 -26.45 33.01 3.06
CA SER B 143 -27.22 34.23 3.31
C SER B 143 -28.68 33.90 3.61
N SER B 144 -29.33 33.12 2.75
CA SER B 144 -30.75 32.86 2.90
C SER B 144 -31.09 32.18 4.22
N GLY B 145 -30.11 31.60 4.91
CA GLY B 145 -30.39 30.85 6.10
C GLY B 145 -31.10 29.54 5.87
N THR B 146 -31.26 29.12 4.61
CA THR B 146 -31.88 27.86 4.27
C THR B 146 -30.90 26.85 3.71
N GLN B 147 -29.65 27.26 3.45
CA GLN B 147 -28.62 26.39 2.91
C GLN B 147 -27.32 26.63 3.66
N ALA B 148 -26.48 25.60 3.70
CA ALA B 148 -25.20 25.70 4.39
C ALA B 148 -24.14 24.92 3.61
N VAL B 149 -22.89 25.33 3.79
CA VAL B 149 -21.74 24.71 3.13
C VAL B 149 -20.80 24.18 4.20
N SER B 150 -20.30 22.96 3.99
CA SER B 150 -19.46 22.28 4.97
C SER B 150 -18.17 21.81 4.30
N GLY B 151 -17.09 21.83 5.07
CA GLY B 151 -15.80 21.35 4.61
C GLY B 151 -15.30 20.22 5.48
N SER B 152 -14.59 19.27 4.87
CA SER B 152 -14.18 18.06 5.55
C SER B 152 -12.76 17.69 5.17
N LYS B 153 -12.16 16.82 5.99
CA LYS B 153 -10.83 16.30 5.69
C LYS B 153 -10.84 15.36 4.48
N ASP B 154 -12.02 14.89 4.06
CA ASP B 154 -12.10 14.10 2.84
C ASP B 154 -11.89 14.94 1.59
N ILE B 155 -11.61 16.24 1.76
CA ILE B 155 -11.22 17.13 0.67
C ILE B 155 -12.46 17.65 -0.05
N CYS B 156 -13.64 17.23 0.37
CA CYS B 156 -14.87 17.63 -0.28
C CYS B 156 -15.50 18.85 0.38
N ILE B 157 -16.33 19.53 -0.39
CA ILE B 157 -17.17 20.62 0.08
C ILE B 157 -18.59 20.36 -0.41
N LYS B 158 -19.56 20.43 0.49
CA LYS B 158 -20.94 20.06 0.18
C LYS B 158 -21.87 21.23 0.47
N VAL B 159 -22.85 21.41 -0.41
CA VAL B 159 -23.91 22.39 -0.22
C VAL B 159 -25.17 21.67 0.22
N TRP B 160 -25.75 22.11 1.33
CA TRP B 160 -26.84 21.40 1.98
C TRP B 160 -28.15 22.17 1.85
N ASP B 161 -29.24 21.43 1.75
CA ASP B 161 -30.60 21.97 1.82
C ASP B 161 -31.13 21.61 3.21
N LEU B 162 -31.06 22.57 4.13
CA LEU B 162 -31.41 22.29 5.51
C LEU B 162 -32.86 21.83 5.65
N ALA B 163 -33.74 22.27 4.75
CA ALA B 163 -35.15 21.88 4.85
C ALA B 163 -35.36 20.46 4.37
N GLN B 164 -34.81 20.11 3.21
CA GLN B 164 -34.94 18.76 2.68
C GLN B 164 -33.93 17.78 3.27
N GLN B 165 -32.97 18.26 4.06
CA GLN B 165 -32.00 17.39 4.74
C GLN B 165 -31.24 16.53 3.73
N VAL B 166 -30.76 17.16 2.67
CA VAL B 166 -30.06 16.47 1.59
C VAL B 166 -28.92 17.35 1.08
N VAL B 167 -27.96 16.71 0.43
CA VAL B 167 -26.82 17.40 -0.16
C VAL B 167 -27.21 17.83 -1.57
N LEU B 168 -27.26 19.14 -1.81
CA LEU B 168 -27.57 19.66 -3.14
C LEU B 168 -26.39 19.47 -4.09
N SER B 169 -25.17 19.72 -3.62
CA SER B 169 -23.99 19.64 -4.46
C SER B 169 -22.82 19.14 -3.63
N SER B 170 -21.94 18.38 -4.27
CA SER B 170 -20.70 17.92 -3.66
C SER B 170 -19.55 18.29 -4.58
N TYR B 171 -18.64 19.11 -4.08
CA TYR B 171 -17.54 19.64 -4.87
C TYR B 171 -16.21 19.11 -4.35
N ARG B 172 -15.39 18.58 -5.25
CA ARG B 172 -14.04 18.15 -4.91
C ARG B 172 -13.04 19.03 -5.68
N ALA B 173 -13.00 20.31 -5.28
CA ALA B 173 -12.12 21.27 -5.93
C ALA B 173 -10.71 21.29 -5.36
N HIS B 174 -10.55 21.02 -4.07
CA HIS B 174 -9.25 21.02 -3.42
C HIS B 174 -8.56 19.66 -3.58
N ALA B 175 -7.29 19.63 -3.19
CA ALA B 175 -6.49 18.41 -3.25
C ALA B 175 -6.02 17.97 -1.86
N ALA B 176 -6.48 18.62 -0.80
CA ALA B 176 -6.09 18.28 0.56
C ALA B 176 -7.26 18.60 1.49
N GLN B 177 -6.99 18.60 2.79
CA GLN B 177 -8.03 18.89 3.77
C GLN B 177 -8.62 20.27 3.52
N VAL B 178 -9.93 20.39 3.73
CA VAL B 178 -10.62 21.68 3.65
C VAL B 178 -10.60 22.30 5.04
N THR B 179 -9.80 23.35 5.21
CA THR B 179 -9.59 23.92 6.54
C THR B 179 -10.73 24.84 6.98
N CYS B 180 -11.35 25.56 6.05
CA CYS B 180 -12.32 26.58 6.44
C CYS B 180 -13.23 26.91 5.26
N VAL B 181 -14.52 27.04 5.54
CA VAL B 181 -15.50 27.47 4.56
C VAL B 181 -16.36 28.56 5.20
N ALA B 182 -16.48 29.70 4.53
CA ALA B 182 -17.19 30.85 5.06
C ALA B 182 -18.15 31.38 4.01
N ALA B 183 -19.44 31.36 4.33
CA ALA B 183 -20.45 31.84 3.40
C ALA B 183 -20.39 33.35 3.26
N SER B 184 -20.84 33.85 2.11
CA SER B 184 -20.91 35.29 1.90
C SER B 184 -21.99 35.88 2.80
N PRO B 185 -21.77 37.07 3.36
CA PRO B 185 -22.79 37.65 4.26
C PRO B 185 -24.12 37.92 3.58
N HIS B 186 -24.13 38.40 2.34
CA HIS B 186 -25.37 38.81 1.69
C HIS B 186 -25.63 38.17 0.34
N LYS B 187 -24.64 37.52 -0.27
CA LYS B 187 -24.82 36.83 -1.55
C LYS B 187 -25.00 35.34 -1.25
N ASP B 188 -26.20 34.82 -1.55
CA ASP B 188 -26.57 33.47 -1.13
C ASP B 188 -25.88 32.37 -1.94
N SER B 189 -25.19 32.71 -3.03
CA SER B 189 -24.54 31.72 -3.87
C SER B 189 -23.01 31.83 -3.82
N VAL B 190 -22.48 32.69 -2.97
CA VAL B 190 -21.05 32.95 -2.89
C VAL B 190 -20.54 32.55 -1.51
N PHE B 191 -19.32 32.00 -1.47
CA PHE B 191 -18.70 31.63 -0.22
C PHE B 191 -17.22 31.35 -0.48
N LEU B 192 -16.42 31.45 0.57
CA LEU B 192 -14.99 31.21 0.49
C LEU B 192 -14.65 29.83 1.04
N SER B 193 -13.44 29.37 0.71
CA SER B 193 -12.92 28.13 1.26
C SER B 193 -11.41 28.13 1.08
N CYS B 194 -10.70 27.56 2.05
CA CYS B 194 -9.26 27.39 1.96
C CYS B 194 -8.93 25.97 2.39
N SER B 195 -7.79 25.49 1.90
CA SER B 195 -7.38 24.10 2.09
C SER B 195 -5.88 24.04 2.28
N GLU B 196 -5.41 22.87 2.72
CA GLU B 196 -3.98 22.66 2.85
C GLU B 196 -3.30 22.46 1.51
N ASP B 197 -4.05 22.49 0.40
CA ASP B 197 -3.44 22.53 -0.92
C ASP B 197 -3.00 23.93 -1.30
N ASN B 198 -3.03 24.87 -0.36
CA ASN B 198 -2.58 26.24 -0.56
C ASN B 198 -3.48 27.03 -1.49
N ARG B 199 -4.73 26.60 -1.63
CA ARG B 199 -5.71 27.29 -2.47
C ARG B 199 -6.68 28.07 -1.60
N ILE B 200 -6.98 29.30 -2.03
CA ILE B 200 -8.11 30.07 -1.52
C ILE B 200 -9.09 30.19 -2.67
N LEU B 201 -10.28 29.61 -2.51
CA LEU B 201 -11.25 29.51 -3.59
C LEU B 201 -12.46 30.38 -3.29
N LEU B 202 -12.74 31.33 -4.17
CA LEU B 202 -13.98 32.08 -4.15
C LEU B 202 -15.02 31.33 -4.98
N TRP B 203 -16.16 31.03 -4.37
CA TRP B 203 -17.19 30.21 -5.00
C TRP B 203 -18.37 31.08 -5.41
N ASP B 204 -18.93 30.77 -6.58
CA ASP B 204 -20.15 31.42 -7.07
C ASP B 204 -20.91 30.35 -7.87
N THR B 205 -21.83 29.67 -7.19
CA THR B 205 -22.54 28.54 -7.77
C THR B 205 -23.41 28.97 -8.93
N ARG B 206 -23.42 30.27 -9.24
CA ARG B 206 -24.10 30.76 -10.44
C ARG B 206 -23.29 30.52 -11.71
N CYS B 207 -21.99 30.23 -11.57
CA CYS B 207 -21.09 30.01 -12.69
C CYS B 207 -21.00 28.53 -13.04
N PRO B 208 -20.82 28.21 -14.33
CA PRO B 208 -20.64 26.79 -14.70
C PRO B 208 -19.51 26.12 -13.92
N LYS B 209 -18.34 26.75 -13.88
CA LYS B 209 -17.27 26.35 -12.98
C LYS B 209 -17.33 27.24 -11.75
N PRO B 210 -17.89 26.78 -10.63
CA PRO B 210 -18.20 27.71 -9.53
C PRO B 210 -16.99 28.18 -8.74
N ALA B 211 -15.86 27.49 -8.82
CA ALA B 211 -14.69 27.83 -8.02
C ALA B 211 -13.73 28.71 -8.79
N SER B 212 -13.06 29.61 -8.07
CA SER B 212 -12.09 30.53 -8.65
C SER B 212 -10.96 30.74 -7.68
N GLN B 213 -9.73 30.53 -8.13
CA GLN B 213 -8.56 30.56 -7.25
C GLN B 213 -8.07 32.00 -7.07
N ILE B 214 -8.06 32.46 -5.83
CA ILE B 214 -7.65 33.81 -5.49
C ILE B 214 -6.17 33.80 -5.11
N GLY B 215 -5.37 34.54 -5.86
CA GLY B 215 -3.96 34.70 -5.52
C GLY B 215 -3.77 35.31 -4.15
N GLY B 220 2.82 31.17 -0.80
CA GLY B 220 2.82 31.56 0.60
C GLY B 220 2.54 30.40 1.54
N TYR B 221 2.34 30.70 2.82
CA TYR B 221 2.04 29.68 3.79
C TYR B 221 0.57 29.29 3.72
N LEU B 222 0.27 28.09 4.22
CA LEU B 222 -1.07 27.52 4.07
C LEU B 222 -2.10 28.40 4.77
N PRO B 223 -3.20 28.74 4.10
CA PRO B 223 -4.27 29.48 4.78
C PRO B 223 -5.04 28.58 5.73
N THR B 224 -5.47 29.16 6.86
CA THR B 224 -6.11 28.38 7.91
C THR B 224 -7.42 28.97 8.42
N SER B 225 -7.75 30.20 8.07
CA SER B 225 -8.97 30.83 8.57
C SER B 225 -9.44 31.90 7.58
N LEU B 226 -10.76 32.10 7.55
CA LEU B 226 -11.38 33.05 6.63
C LEU B 226 -12.43 33.88 7.37
N ALA B 227 -12.63 35.11 6.89
CA ALA B 227 -13.63 35.99 7.46
C ALA B 227 -13.97 37.08 6.45
N TRP B 228 -15.21 37.06 5.96
CA TRP B 228 -15.67 38.14 5.09
C TRP B 228 -15.71 39.46 5.86
N HIS B 229 -15.70 40.56 5.11
CA HIS B 229 -15.94 41.86 5.73
C HIS B 229 -17.44 42.13 5.80
N PRO B 230 -17.98 42.48 6.98
CA PRO B 230 -19.44 42.65 7.08
C PRO B 230 -19.98 43.84 6.32
N GLN B 231 -19.16 44.85 6.05
CA GLN B 231 -19.64 46.09 5.43
C GLN B 231 -19.14 46.30 4.01
N GLN B 232 -18.24 45.46 3.52
CA GLN B 232 -17.69 45.61 2.17
C GLN B 232 -17.84 44.30 1.42
N SER B 233 -18.52 44.35 0.28
CA SER B 233 -18.89 43.14 -0.45
C SER B 233 -17.67 42.30 -0.79
N GLU B 234 -16.76 42.86 -1.60
CA GLU B 234 -15.68 42.10 -2.21
C GLU B 234 -14.39 42.12 -1.38
N VAL B 235 -14.49 42.18 -0.05
CA VAL B 235 -13.32 42.26 0.81
C VAL B 235 -13.40 41.17 1.87
N PHE B 236 -12.28 40.49 2.11
CA PHE B 236 -12.21 39.46 3.15
C PHE B 236 -10.78 39.41 3.70
N VAL B 237 -10.64 38.72 4.83
CA VAL B 237 -9.35 38.52 5.48
C VAL B 237 -9.13 37.03 5.68
N PHE B 238 -7.86 36.64 5.77
CA PHE B 238 -7.51 35.23 5.97
C PHE B 238 -6.18 35.13 6.68
N GLY B 239 -6.11 34.24 7.66
CA GLY B 239 -4.88 33.94 8.37
C GLY B 239 -4.23 32.67 7.88
N ASP B 240 -2.91 32.59 8.08
CA ASP B 240 -2.14 31.44 7.63
C ASP B 240 -1.56 30.68 8.81
N GLU B 241 -0.96 29.53 8.50
CA GLU B 241 -0.36 28.67 9.51
C GLU B 241 0.88 29.28 10.16
N ASN B 242 1.35 30.43 9.67
CA ASN B 242 2.53 31.09 10.21
C ASN B 242 2.18 32.29 11.07
N GLY B 243 0.91 32.54 11.33
CA GLY B 243 0.50 33.60 12.21
C GLY B 243 0.28 34.95 11.57
N THR B 244 0.11 35.01 10.25
CA THR B 244 -0.09 36.26 9.54
C THR B 244 -1.56 36.43 9.18
N VAL B 245 -2.06 37.66 9.31
CA VAL B 245 -3.42 38.01 8.90
C VAL B 245 -3.30 38.96 7.70
N SER B 246 -4.11 38.73 6.68
CA SER B 246 -3.98 39.47 5.43
C SER B 246 -5.34 40.01 4.98
N LEU B 247 -5.34 41.26 4.54
CA LEU B 247 -6.53 41.94 4.01
C LEU B 247 -6.49 41.87 2.49
N VAL B 248 -7.53 41.29 1.89
CA VAL B 248 -7.54 40.95 0.48
C VAL B 248 -8.78 41.53 -0.19
N ASP B 249 -8.56 42.27 -1.28
CA ASP B 249 -9.63 42.76 -2.14
C ASP B 249 -9.77 41.82 -3.33
N THR B 250 -11.01 41.49 -3.68
CA THR B 250 -11.25 40.58 -4.80
C THR B 250 -11.08 41.30 -6.14
N VAL B 256 -2.07 44.36 -1.39
CA VAL B 256 -2.43 43.50 -0.28
C VAL B 256 -1.82 44.03 1.02
N LEU B 257 -2.59 43.96 2.10
CA LEU B 257 -2.15 44.43 3.41
C LEU B 257 -2.16 43.26 4.39
N SER B 258 -1.09 43.14 5.17
CA SER B 258 -0.94 42.03 6.10
C SER B 258 -0.09 42.45 7.28
N SER B 259 -0.15 41.64 8.34
CA SER B 259 0.61 41.91 9.56
C SER B 259 0.84 40.59 10.29
N ALA B 260 2.03 40.46 10.87
CA ALA B 260 2.41 39.27 11.65
C ALA B 260 1.78 39.41 13.04
N VAL B 261 0.60 38.81 13.19
CA VAL B 261 -0.18 38.98 14.42
C VAL B 261 0.16 37.91 15.45
N HIS B 262 0.35 36.67 15.02
CA HIS B 262 0.54 35.56 15.94
C HIS B 262 1.83 34.82 15.60
N SER B 263 2.29 34.03 16.57
CA SER B 263 3.48 33.20 16.42
C SER B 263 3.16 31.77 16.02
N GLN B 264 1.89 31.45 15.81
CA GLN B 264 1.48 30.11 15.41
C GLN B 264 0.27 30.22 14.50
N CYS B 265 -0.37 29.08 14.24
CA CYS B 265 -1.50 29.03 13.33
C CYS B 265 -2.62 29.99 13.78
N VAL B 266 -3.20 30.69 12.80
CA VAL B 266 -4.33 31.58 13.06
C VAL B 266 -5.60 30.74 12.95
N THR B 267 -6.24 30.49 14.09
CA THR B 267 -7.36 29.54 14.13
C THR B 267 -8.66 30.13 13.61
N GLY B 268 -8.88 31.43 13.81
CA GLY B 268 -10.13 32.03 13.41
C GLY B 268 -10.04 33.54 13.34
N LEU B 269 -11.00 34.12 12.64
CA LEU B 269 -11.08 35.57 12.46
C LEU B 269 -12.53 35.99 12.56
N VAL B 270 -12.83 36.92 13.45
CA VAL B 270 -14.20 37.37 13.71
C VAL B 270 -14.22 38.89 13.70
N PHE B 271 -15.05 39.48 12.85
CA PHE B 271 -15.25 40.91 12.83
C PHE B 271 -16.28 41.32 13.89
N SER B 272 -16.08 42.50 14.46
CA SER B 272 -17.02 43.02 15.45
C SER B 272 -18.23 43.63 14.77
N PRO B 273 -19.33 43.81 15.51
CA PRO B 273 -20.56 44.35 14.91
C PRO B 273 -20.58 45.87 14.75
N HIS B 274 -19.53 46.57 15.17
CA HIS B 274 -19.52 48.02 15.09
C HIS B 274 -19.65 48.49 13.65
N SER B 275 -20.03 49.76 13.48
CA SER B 275 -20.12 50.34 12.15
C SER B 275 -18.78 50.27 11.43
N VAL B 276 -17.72 50.74 12.09
CA VAL B 276 -16.35 50.48 11.64
C VAL B 276 -15.83 49.30 12.45
N PRO B 277 -15.86 48.09 11.91
CA PRO B 277 -15.65 46.90 12.75
C PRO B 277 -14.20 46.67 13.10
N PHE B 278 -14.00 46.05 14.25
CA PHE B 278 -12.70 45.54 14.67
C PHE B 278 -12.57 44.08 14.29
N LEU B 279 -11.33 43.60 14.26
CA LEU B 279 -11.02 42.23 13.86
C LEU B 279 -10.39 41.50 15.03
N ALA B 280 -11.04 40.43 15.48
CA ALA B 280 -10.50 39.55 16.52
C ALA B 280 -9.90 38.32 15.87
N SER B 281 -8.64 38.05 16.20
CA SER B 281 -7.92 36.90 15.67
C SER B 281 -7.46 36.03 16.84
N LEU B 282 -7.72 34.73 16.73
CA LEU B 282 -7.29 33.76 17.73
C LEU B 282 -6.38 32.73 17.06
N SER B 283 -5.45 32.18 17.85
CA SER B 283 -4.38 31.36 17.31
C SER B 283 -4.03 30.25 18.29
N GLU B 284 -3.19 29.33 17.82
CA GLU B 284 -2.68 28.26 18.66
C GLU B 284 -1.58 28.71 19.61
N ASP B 285 -1.18 29.99 19.54
CA ASP B 285 -0.22 30.53 20.49
C ASP B 285 -0.86 30.91 21.82
N CYS B 286 -2.15 30.61 22.00
CA CYS B 286 -2.85 30.85 23.25
C CYS B 286 -3.12 32.32 23.51
N SER B 287 -3.26 33.12 22.45
CA SER B 287 -3.48 34.55 22.58
C SER B 287 -4.62 35.01 21.68
N LEU B 288 -5.27 36.09 22.09
CA LEU B 288 -6.31 36.74 21.32
C LEU B 288 -5.86 38.15 20.98
N ALA B 289 -6.06 38.55 19.73
CA ALA B 289 -5.68 39.87 19.25
C ALA B 289 -6.90 40.59 18.67
N VAL B 290 -6.91 41.91 18.82
CA VAL B 290 -7.95 42.76 18.28
C VAL B 290 -7.28 43.80 17.39
N LEU B 291 -7.62 43.80 16.11
CA LEU B 291 -6.99 44.67 15.13
C LEU B 291 -7.99 45.69 14.60
N ASP B 292 -7.47 46.73 13.95
CA ASP B 292 -8.28 47.80 13.41
C ASP B 292 -8.36 47.68 11.89
N SER B 293 -8.72 48.79 11.22
CA SER B 293 -8.92 48.75 9.78
C SER B 293 -7.64 48.40 9.03
N SER B 294 -6.49 48.80 9.55
CA SER B 294 -5.21 48.55 8.91
C SER B 294 -4.47 47.37 9.52
N LEU B 295 -5.18 46.47 10.21
CA LEU B 295 -4.59 45.29 10.82
C LEU B 295 -3.61 45.64 11.94
N SER B 296 -3.75 46.81 12.54
CA SER B 296 -2.92 47.20 13.67
C SER B 296 -3.54 46.70 14.97
N GLU B 297 -2.67 46.37 15.92
CA GLU B 297 -3.12 45.76 17.17
C GLU B 297 -3.62 46.83 18.15
N LEU B 298 -4.85 46.66 18.63
CA LEU B 298 -5.42 47.52 19.65
C LEU B 298 -5.61 46.84 20.99
N PHE B 299 -5.61 45.51 21.03
CA PHE B 299 -5.82 44.77 22.27
C PHE B 299 -5.12 43.43 22.16
N ARG B 300 -4.69 42.91 23.31
CA ARG B 300 -4.00 41.62 23.37
C ARG B 300 -4.38 40.95 24.67
N SER B 301 -4.86 39.71 24.58
CA SER B 301 -5.24 38.94 25.75
C SER B 301 -4.50 37.61 25.76
N GLN B 302 -3.95 37.24 26.90
CA GLN B 302 -3.28 35.96 27.09
C GLN B 302 -3.90 35.20 28.26
N ALA B 303 -5.16 35.49 28.56
CA ALA B 303 -5.83 34.82 29.68
C ALA B 303 -5.87 33.31 29.47
N HIS B 304 -5.91 32.86 28.23
CA HIS B 304 -5.99 31.43 27.96
C HIS B 304 -4.62 30.77 28.13
N ARG B 305 -4.64 29.56 28.68
CA ARG B 305 -3.43 28.76 28.88
C ARG B 305 -3.30 27.64 27.85
N ASP B 306 -4.27 27.50 26.95
CA ASP B 306 -4.22 26.51 25.88
C ASP B 306 -4.68 27.19 24.60
N PHE B 307 -4.99 26.39 23.59
CA PHE B 307 -5.40 26.94 22.30
C PHE B 307 -6.69 27.74 22.45
N VAL B 308 -6.78 28.84 21.70
CA VAL B 308 -7.98 29.66 21.62
C VAL B 308 -8.79 29.21 20.41
N ARG B 309 -9.99 28.69 20.64
CA ARG B 309 -10.72 27.99 19.59
C ARG B 309 -11.82 28.82 18.93
N ASP B 310 -12.29 29.88 19.58
CA ASP B 310 -13.37 30.67 19.00
C ASP B 310 -13.43 32.02 19.70
N ALA B 311 -14.17 32.95 19.09
CA ALA B 311 -14.40 34.27 19.66
C ALA B 311 -15.73 34.77 19.13
N THR B 312 -16.51 35.42 20.01
CA THR B 312 -17.84 35.87 19.66
C THR B 312 -18.12 37.20 20.34
N TRP B 313 -18.64 38.16 19.58
CA TRP B 313 -18.95 39.48 20.11
C TRP B 313 -20.38 39.52 20.64
N SER B 314 -20.56 40.19 21.77
CA SER B 314 -21.88 40.29 22.38
C SER B 314 -22.75 41.23 21.55
N PRO B 315 -23.98 40.82 21.20
CA PRO B 315 -24.87 41.75 20.51
C PRO B 315 -25.39 42.86 21.41
N LEU B 316 -25.48 42.60 22.72
CA LEU B 316 -25.96 43.62 23.66
C LEU B 316 -24.88 44.67 23.91
N ASN B 317 -23.72 44.24 24.40
CA ASN B 317 -22.58 45.12 24.66
C ASN B 317 -21.55 44.89 23.57
N HIS B 318 -21.37 45.88 22.70
CA HIS B 318 -20.49 45.73 21.54
C HIS B 318 -19.02 45.68 21.93
N SER B 319 -18.65 46.19 23.10
CA SER B 319 -17.25 46.20 23.52
C SER B 319 -16.84 44.94 24.27
N LEU B 320 -17.75 44.01 24.52
CA LEU B 320 -17.46 42.78 25.23
C LEU B 320 -17.22 41.66 24.22
N LEU B 321 -16.12 40.93 24.39
CA LEU B 321 -15.72 39.87 23.48
C LEU B 321 -15.45 38.62 24.28
N THR B 322 -16.16 37.53 23.95
CA THR B 322 -16.05 36.26 24.67
C THR B 322 -15.21 35.28 23.86
N THR B 323 -14.31 34.58 24.55
CA THR B 323 -13.45 33.58 23.93
C THR B 323 -13.51 32.29 24.73
N VAL B 324 -13.27 31.17 24.04
CA VAL B 324 -13.19 29.86 24.67
C VAL B 324 -11.96 29.15 24.12
N GLY B 325 -11.52 28.13 24.86
CA GLY B 325 -10.35 27.39 24.44
C GLY B 325 -10.34 26.00 25.07
N TRP B 326 -9.28 25.26 24.76
CA TRP B 326 -9.12 23.91 25.29
C TRP B 326 -8.71 23.90 26.76
N ASP B 327 -8.46 25.06 27.36
CA ASP B 327 -8.25 25.16 28.80
C ASP B 327 -9.56 25.26 29.57
N HIS B 328 -10.70 25.03 28.90
CA HIS B 328 -12.01 25.06 29.52
C HIS B 328 -12.36 26.44 30.09
N GLN B 329 -11.74 27.49 29.57
CA GLN B 329 -11.96 28.85 30.04
C GLN B 329 -12.95 29.58 29.12
N VAL B 330 -13.90 30.27 29.74
CA VAL B 330 -14.79 31.17 29.03
C VAL B 330 -14.49 32.59 29.50
N VAL B 331 -13.63 33.28 28.78
CA VAL B 331 -13.17 34.60 29.18
C VAL B 331 -14.03 35.66 28.52
N HIS B 332 -14.37 36.71 29.29
CA HIS B 332 -15.17 37.83 28.80
C HIS B 332 -14.26 39.06 28.76
N HIS B 333 -13.81 39.42 27.56
CA HIS B 333 -12.91 40.54 27.38
C HIS B 333 -13.69 41.83 27.16
N VAL B 334 -13.20 42.91 27.76
CA VAL B 334 -13.72 44.25 27.52
C VAL B 334 -12.71 44.96 26.64
N VAL B 335 -13.05 45.11 25.36
CA VAL B 335 -12.12 45.65 24.36
C VAL B 335 -12.24 47.18 24.38
N PRO B 336 -11.15 47.92 24.59
CA PRO B 336 -11.24 49.39 24.54
C PRO B 336 -11.48 49.85 23.12
N THR B 337 -12.49 50.72 22.96
CA THR B 337 -12.84 51.23 21.64
C THR B 337 -12.42 52.70 21.49
CS MTA C . 17.02 -36.62 -11.43
S5' MTA C . 18.26 -35.45 -10.82
C5' MTA C . 19.90 -35.93 -11.43
C4' MTA C . 20.19 -37.41 -11.07
O4' MTA C . 21.33 -37.87 -11.78
C2' MTA C . 22.18 -37.57 -9.75
O2' MTA C . 22.80 -38.30 -8.61
C3' MTA C . 20.62 -37.53 -9.59
O3' MTA C . 20.17 -38.66 -9.06
C1' MTA C . 22.38 -38.20 -10.85
N9 MTA C . 23.64 -37.84 -11.42
C8 MTA C . 24.12 -36.57 -11.62
N7 MTA C . 25.29 -36.64 -12.17
C5 MTA C . 25.63 -37.87 -12.35
C6 MTA C . 26.76 -38.47 -12.89
N6 MTA C . 27.83 -37.68 -13.37
N1 MTA C . 26.84 -39.80 -12.95
C2 MTA C . 25.83 -40.57 -12.50
N3 MTA C . 24.72 -40.02 -11.98
C4 MTA C . 24.61 -38.68 -11.89
N1 85K D . 16.74 -26.59 -7.41
N12 85K D . 18.05 -32.39 -12.76
C13 85K D . 14.85 -29.30 -9.03
C15 85K D . 12.92 -30.54 -9.84
C17 85K D . 15.15 -31.13 -10.63
N 85K D . 15.71 -26.83 -6.57
C 85K D . 15.41 -26.16 -5.34
O 85K D . 12.02 -32.71 -11.57
C1 85K D . 16.55 -27.44 -8.38
C12 85K D . 15.41 -28.23 -8.19
C14 85K D . 13.46 -29.53 -9.06
C16 85K D . 15.67 -30.10 -9.81
C18 85K D . 15.98 -32.00 -11.47
C19 85K D . 17.51 -31.82 -11.51
C1A 85K D . 13.76 -31.35 -10.63
C1B 85K D . 13.21 -32.40 -11.45
C1C 85K D . 14.88 -27.80 -7.01
C1D 85K D . 13.74 -28.16 -6.19
C1E 85K D . 13.93 -29.08 -5.16
C1F 85K D . 12.90 -29.48 -4.31
C1G 85K D . 11.64 -28.91 -4.48
C1H 85K D . 11.44 -27.98 -5.48
C1I 85K D . 8.93 -28.03 -5.30
C1K 85K D . 8.08 -27.26 -4.34
C1L 85K D . 7.76 -27.27 -5.81
C1M 85K D . 12.47 -27.57 -6.34
C1N 85K D . 12.23 -26.60 -7.37
F 85K D . 15.16 -29.62 -4.99
N13 85K D . 15.45 -32.93 -12.20
N14 85K D . 14.09 -33.14 -12.20
N15 85K D . 12.03 -25.83 -8.19
O1 85K D . 10.19 -27.41 -5.65
CL 85K D . 13.16 -30.64 -3.06
H31 85K D . 19.04 -32.23 -12.81
H212 85K D . 17.60 -31.95 -13.54
H112 85K D . 17.87 -33.37 -12.78
H123 85K D . 11.86 -30.71 -9.84
H2 85K D . 15.93 -25.21 -5.31
H1 85K D . 15.75 -26.77 -4.51
H3 85K D . 14.35 -26.00 -5.26
H 85K D . 17.19 -27.57 -9.25
H12 85K D . 12.80 -28.93 -8.45
H124 85K D . 16.74 -29.95 -9.82
H21 85K D . 17.97 -32.34 -10.68
H11 85K D . 17.77 -30.77 -11.47
H126 85K D . 10.83 -29.21 -3.82
H127 85K D . 8.89 -29.08 -5.03
H114 85K D . 7.45 -27.87 -3.71
H214 85K D . 8.52 -26.34 -3.95
H213 85K D . 7.97 -26.37 -6.35
H113 85K D . 6.90 -27.88 -6.10
H125 85K D . 13.70 -33.86 -12.76
#